data_8CTR
#
_entry.id   8CTR
#
_cell.length_a   71.550
_cell.length_b   71.690
_cell.length_c   81.230
_cell.angle_alpha   89.960
_cell.angle_beta   66.580
_cell.angle_gamma   83.080
#
_symmetry.space_group_name_H-M   'P 1'
#
loop_
_entity.id
_entity.type
_entity.pdbx_description
1 polymer 'dTDP-4-dehydrorhamnose reductase'
2 non-polymer 'NADP NICOTINAMIDE-ADENINE-DINUCLEOTIDE PHOSPHATE'
3 non-polymer 'ACETATE ION'
4 non-polymer GLYCEROL
5 non-polymer 'SODIUM ION'
6 water water
#
_entity_poly.entity_id   1
_entity_poly.type   'polypeptide(L)'
_entity_poly.pdbx_seq_one_letter_code
;MAHHHHHHMKILLIGKNGQVGWELQRSLSTLGDVVAVDYFDKELCGDLTNLDGIAQTVRTVRPDVVVNAAAHTAVDKAES
ERELSDLLNDKGVAVLAAESAKLGALMVHYSTDYVFDGAGSHYRREDEATGPLNVYGETKRAGELALEQGNPRHLIFRTS
WVYATRGANFAKTMLRLAGEKETLSIIDDQHGAPTGAELLADCTATAIRETLRDPALAGTYHLVASGETSWCDYARYVFE
VARAHGAELAVQEVKGIPTTAYPTPAKRPLNSRLSNEKFQQAFGVTLPDWRQGVARVVTEVLGK
;
_entity_poly.pdbx_strand_id   A,B,C,D
#
# COMPACT_ATOMS: atom_id res chain seq x y z
N HIS A 7 -12.88 11.74 -4.00
CA HIS A 7 -12.19 12.79 -3.26
C HIS A 7 -10.68 12.75 -3.48
N HIS A 8 -10.08 13.94 -3.57
CA HIS A 8 -8.65 14.09 -3.78
C HIS A 8 -8.04 14.79 -2.59
N MET A 9 -6.91 14.28 -2.12
CA MET A 9 -6.12 15.00 -1.13
C MET A 9 -5.62 16.30 -1.72
N LYS A 10 -5.35 17.26 -0.83
CA LYS A 10 -4.80 18.55 -1.23
C LYS A 10 -3.32 18.57 -0.85
N ILE A 11 -2.46 18.84 -1.83
CA ILE A 11 -1.02 18.85 -1.61
C ILE A 11 -0.50 20.25 -1.91
N LEU A 12 0.22 20.83 -0.95
CA LEU A 12 0.86 22.12 -1.11
C LEU A 12 2.34 21.89 -1.33
N LEU A 13 2.86 22.34 -2.47
CA LEU A 13 4.26 22.23 -2.81
C LEU A 13 4.88 23.62 -2.77
N ILE A 14 5.89 23.81 -1.92
CA ILE A 14 6.64 25.05 -1.80
CA ILE A 14 6.62 25.06 -1.82
C ILE A 14 7.99 24.84 -2.47
N GLY A 15 8.49 25.88 -3.15
CA GLY A 15 9.74 25.74 -3.86
C GLY A 15 9.60 24.98 -5.17
N LYS A 16 8.52 25.22 -5.91
CA LYS A 16 8.20 24.38 -7.06
C LYS A 16 9.21 24.48 -8.19
N ASN A 17 10.01 25.54 -8.23
CA ASN A 17 10.87 25.80 -9.37
C ASN A 17 12.27 25.28 -9.20
N GLY A 18 12.61 24.73 -8.02
CA GLY A 18 13.95 24.23 -7.78
C GLY A 18 14.20 22.91 -8.47
N GLN A 19 15.40 22.37 -8.25
CA GLN A 19 15.74 21.09 -8.88
C GLN A 19 14.78 20.00 -8.42
N VAL A 20 14.64 19.85 -7.10
CA VAL A 20 13.72 18.85 -6.59
C VAL A 20 12.28 19.28 -6.80
N GLY A 21 11.99 20.57 -6.59
CA GLY A 21 10.60 21.02 -6.74
C GLY A 21 10.04 20.77 -8.13
N TRP A 22 10.86 20.92 -9.16
CA TRP A 22 10.36 20.70 -10.51
C TRP A 22 9.97 19.25 -10.72
N GLU A 23 10.79 18.32 -10.21
CA GLU A 23 10.45 16.91 -10.35
C GLU A 23 9.28 16.55 -9.45
N LEU A 24 9.14 17.23 -8.30
CA LEU A 24 7.96 17.00 -7.46
C LEU A 24 6.67 17.46 -8.14
N GLN A 25 6.72 18.48 -8.98
CA GLN A 25 5.51 18.83 -9.71
C GLN A 25 5.00 17.65 -10.51
N ARG A 26 5.92 16.81 -11.01
CA ARG A 26 5.56 15.59 -11.70
C ARG A 26 5.14 14.50 -10.72
N SER A 27 5.99 14.20 -9.73
CA SER A 27 5.74 12.99 -8.95
C SER A 27 4.52 13.12 -8.05
N LEU A 28 4.25 14.34 -7.57
CA LEU A 28 3.13 14.56 -6.67
C LEU A 28 1.79 14.64 -7.41
N SER A 29 1.82 14.81 -8.74
CA SER A 29 0.60 15.15 -9.47
C SER A 29 -0.44 14.03 -9.45
N THR A 30 -0.04 12.78 -9.19
CA THR A 30 -1.02 11.69 -9.12
C THR A 30 -1.45 11.37 -7.70
N LEU A 31 -0.94 12.08 -6.70
CA LEU A 31 -1.29 11.81 -5.31
C LEU A 31 -2.52 12.60 -4.85
N GLY A 32 -2.85 13.67 -5.55
CA GLY A 32 -4.00 14.48 -5.19
C GLY A 32 -3.99 15.76 -6.01
N ASP A 33 -4.73 16.75 -5.52
CA ASP A 33 -4.74 18.06 -6.15
C ASP A 33 -3.55 18.87 -5.64
N VAL A 34 -2.64 19.24 -6.53
CA VAL A 34 -1.42 19.93 -6.15
C VAL A 34 -1.61 21.43 -6.34
N VAL A 35 -1.26 22.20 -5.32
CA VAL A 35 -1.14 23.64 -5.38
C VAL A 35 0.35 23.91 -5.21
N ALA A 36 1.00 24.40 -6.26
CA ALA A 36 2.45 24.54 -6.26
C ALA A 36 2.79 26.03 -6.34
N VAL A 37 3.69 26.49 -5.46
CA VAL A 37 4.07 27.89 -5.39
C VAL A 37 5.58 28.00 -5.30
N ASP A 38 6.07 29.17 -5.68
CA ASP A 38 7.44 29.58 -5.39
C ASP A 38 7.40 31.08 -5.09
N TYR A 39 8.55 31.68 -4.80
CA TYR A 39 8.52 33.01 -4.20
C TYR A 39 7.93 34.07 -5.14
N PHE A 40 7.92 33.81 -6.45
CA PHE A 40 7.38 34.78 -7.40
CA PHE A 40 7.38 34.78 -7.40
C PHE A 40 5.87 34.71 -7.56
N ASP A 41 5.20 33.72 -6.96
CA ASP A 41 3.76 33.59 -7.12
CA ASP A 41 3.75 33.59 -7.11
C ASP A 41 3.05 34.86 -6.66
N LYS A 42 2.03 35.26 -7.42
CA LYS A 42 1.28 36.49 -7.14
C LYS A 42 -0.02 36.25 -6.41
N GLU A 43 -0.69 35.12 -6.67
CA GLU A 43 -1.98 34.84 -6.05
C GLU A 43 -1.82 34.40 -4.61
N LEU A 44 -0.97 33.40 -4.38
CA LEU A 44 -0.62 32.93 -3.05
C LEU A 44 0.80 33.36 -2.74
N CYS A 45 1.07 33.61 -1.46
CA CYS A 45 2.44 33.89 -1.07
C CYS A 45 3.25 32.59 -1.09
N GLY A 46 4.33 32.58 -1.85
CA GLY A 46 5.17 31.40 -1.94
C GLY A 46 6.55 31.72 -1.42
N ASP A 47 6.68 32.89 -0.80
CA ASP A 47 7.96 33.39 -0.30
C ASP A 47 8.10 32.90 1.15
N LEU A 48 8.94 31.89 1.34
CA LEU A 48 9.11 31.27 2.64
C LEU A 48 9.74 32.21 3.65
N THR A 49 10.36 33.31 3.20
CA THR A 49 10.89 34.31 4.13
C THR A 49 9.81 35.29 4.63
N ASN A 50 8.65 35.32 3.99
CA ASN A 50 7.52 36.13 4.45
C ASN A 50 6.72 35.25 5.39
N LEU A 51 7.05 35.31 6.69
CA LEU A 51 6.52 34.33 7.62
C LEU A 51 4.99 34.43 7.75
N ASP A 52 4.46 35.65 7.74
CA ASP A 52 3.01 35.79 7.82
C ASP A 52 2.36 35.37 6.50
N GLY A 53 3.00 35.68 5.37
CA GLY A 53 2.42 35.34 4.09
C GLY A 53 2.39 33.84 3.86
N ILE A 54 3.50 33.16 4.16
CA ILE A 54 3.53 31.72 3.92
C ILE A 54 2.57 31.01 4.86
N ALA A 55 2.38 31.55 6.06
CA ALA A 55 1.37 31.00 6.97
C ALA A 55 -0.03 31.17 6.40
N GLN A 56 -0.32 32.34 5.83
CA GLN A 56 -1.62 32.54 5.21
C GLN A 56 -1.85 31.58 4.05
N THR A 57 -0.79 31.26 3.29
CA THR A 57 -0.93 30.30 2.20
C THR A 57 -1.35 28.92 2.73
N VAL A 58 -0.70 28.45 3.78
CA VAL A 58 -1.10 27.16 4.37
C VAL A 58 -2.55 27.24 4.86
N ARG A 59 -2.93 28.34 5.53
CA ARG A 59 -4.30 28.45 6.04
C ARG A 59 -5.31 28.51 4.92
N THR A 60 -4.95 29.12 3.79
CA THR A 60 -5.88 29.24 2.68
C THR A 60 -6.04 27.92 1.94
N VAL A 61 -4.91 27.27 1.64
CA VAL A 61 -4.93 26.05 0.84
C VAL A 61 -5.48 24.88 1.65
N ARG A 62 -5.29 24.90 2.96
CA ARG A 62 -5.69 23.82 3.84
C ARG A 62 -5.22 22.45 3.34
N PRO A 63 -3.91 22.28 3.14
CA PRO A 63 -3.41 21.03 2.56
C PRO A 63 -3.52 19.86 3.52
N ASP A 64 -3.62 18.66 2.94
CA ASP A 64 -3.44 17.41 3.67
C ASP A 64 -1.98 17.02 3.76
N VAL A 65 -1.17 17.46 2.79
CA VAL A 65 0.26 17.20 2.75
C VAL A 65 0.95 18.48 2.33
N VAL A 66 2.01 18.87 3.04
CA VAL A 66 2.85 20.00 2.67
C VAL A 66 4.21 19.43 2.29
N VAL A 67 4.71 19.80 1.12
CA VAL A 67 6.04 19.35 0.68
C VAL A 67 6.89 20.60 0.47
N ASN A 68 7.92 20.76 1.29
CA ASN A 68 8.75 21.96 1.25
C ASN A 68 10.04 21.64 0.50
N ALA A 69 10.14 22.13 -0.75
CA ALA A 69 11.35 22.00 -1.54
C ALA A 69 12.07 23.33 -1.70
N ALA A 70 11.74 24.31 -0.88
CA ALA A 70 12.38 25.63 -0.87
C ALA A 70 13.47 25.67 0.18
N ALA A 71 14.57 26.37 -0.11
CA ALA A 71 15.64 26.48 0.87
C ALA A 71 16.64 27.53 0.40
N HIS A 72 17.52 27.93 1.32
CA HIS A 72 18.73 28.67 0.97
C HIS A 72 19.81 27.62 0.71
N THR A 73 20.21 27.48 -0.55
CA THR A 73 21.10 26.38 -0.95
C THR A 73 22.46 26.85 -1.44
N ALA A 74 22.77 28.14 -1.31
CA ALA A 74 24.02 28.71 -1.79
C ALA A 74 25.00 28.68 -0.62
N VAL A 75 25.74 27.57 -0.51
CA VAL A 75 26.43 27.25 0.73
C VAL A 75 27.48 28.31 1.07
N ASP A 76 28.28 28.71 0.09
CA ASP A 76 29.30 29.70 0.40
C ASP A 76 28.69 31.07 0.65
N LYS A 77 27.65 31.43 -0.10
CA LYS A 77 26.99 32.71 0.15
C LYS A 77 26.33 32.73 1.51
N ALA A 78 25.89 31.56 2.01
CA ALA A 78 25.21 31.51 3.31
C ALA A 78 26.07 32.03 4.45
N GLU A 79 27.40 31.86 4.37
CA GLU A 79 28.29 32.38 5.42
C GLU A 79 28.20 33.90 5.57
N SER A 80 27.78 34.62 4.53
CA SER A 80 27.60 36.06 4.62
C SER A 80 26.12 36.46 4.49
N GLU A 81 25.23 35.49 4.63
CA GLU A 81 23.78 35.70 4.60
C GLU A 81 23.13 34.90 5.72
N ARG A 82 23.61 35.10 6.95
CA ARG A 82 23.17 34.26 8.06
C ARG A 82 21.71 34.50 8.41
N GLU A 83 21.24 35.75 8.31
CA GLU A 83 19.84 36.00 8.65
C GLU A 83 18.91 35.37 7.62
N LEU A 84 19.23 35.51 6.33
CA LEU A 84 18.41 34.92 5.28
C LEU A 84 18.43 33.40 5.36
N SER A 85 19.60 32.81 5.63
CA SER A 85 19.67 31.37 5.79
C SER A 85 18.79 30.91 6.93
N ASP A 86 18.79 31.65 8.05
CA ASP A 86 17.93 31.26 9.17
C ASP A 86 16.46 31.39 8.81
N LEU A 87 16.10 32.44 8.07
CA LEU A 87 14.71 32.59 7.65
C LEU A 87 14.26 31.44 6.75
N LEU A 88 15.06 31.11 5.73
CA LEU A 88 14.63 30.10 4.76
C LEU A 88 14.73 28.68 5.29
N ASN A 89 15.75 28.38 6.10
CA ASN A 89 16.04 27.00 6.48
C ASN A 89 15.55 26.66 7.89
N ASP A 90 15.17 27.65 8.69
CA ASP A 90 14.79 27.43 10.08
C ASP A 90 13.46 28.10 10.39
N LYS A 91 13.43 29.44 10.45
CA LYS A 91 12.21 30.12 10.87
C LYS A 91 11.04 29.81 9.95
N GLY A 92 11.28 29.81 8.63
CA GLY A 92 10.20 29.49 7.70
C GLY A 92 9.73 28.04 7.85
N VAL A 93 10.67 27.13 8.09
CA VAL A 93 10.30 25.74 8.31
C VAL A 93 9.48 25.59 9.58
N ALA A 94 9.83 26.35 10.63
CA ALA A 94 9.05 26.31 11.87
C ALA A 94 7.62 26.76 11.65
N VAL A 95 7.42 27.83 10.84
CA VAL A 95 6.08 28.29 10.52
C VAL A 95 5.31 27.21 9.77
N LEU A 96 5.94 26.62 8.75
CA LEU A 96 5.29 25.53 8.03
C LEU A 96 4.93 24.38 8.97
N ALA A 97 5.82 24.06 9.91
CA ALA A 97 5.53 22.97 10.84
C ALA A 97 4.33 23.29 11.71
N ALA A 98 4.29 24.51 12.24
CA ALA A 98 3.20 24.91 13.11
C ALA A 98 1.87 24.94 12.36
N GLU A 99 1.86 25.49 11.14
CA GLU A 99 0.61 25.63 10.40
C GLU A 99 0.13 24.28 9.89
N SER A 100 1.06 23.43 9.44
CA SER A 100 0.66 22.11 9.00
C SER A 100 0.15 21.26 10.17
N ALA A 101 0.77 21.40 11.35
CA ALA A 101 0.31 20.61 12.48
C ALA A 101 -1.06 21.07 12.96
N LYS A 102 -1.38 22.37 12.84
CA LYS A 102 -2.71 22.83 13.18
C LYS A 102 -3.77 22.14 12.32
N LEU A 103 -3.42 21.81 11.07
CA LEU A 103 -4.34 21.17 10.14
C LEU A 103 -4.28 19.65 10.21
N GLY A 104 -3.34 19.09 10.98
CA GLY A 104 -3.12 17.66 10.92
C GLY A 104 -2.47 17.20 9.63
N ALA A 105 -1.80 18.08 8.92
CA ALA A 105 -1.21 17.72 7.64
C ALA A 105 0.15 17.04 7.85
N LEU A 106 0.45 16.12 6.94
CA LEU A 106 1.79 15.52 6.86
C LEU A 106 2.73 16.50 6.20
N MET A 107 3.86 16.78 6.84
CA MET A 107 4.84 17.71 6.27
C MET A 107 6.12 17.00 5.88
N VAL A 108 6.53 17.17 4.63
CA VAL A 108 7.76 16.62 4.07
C VAL A 108 8.76 17.75 3.94
N HIS A 109 9.99 17.52 4.39
CA HIS A 109 11.02 18.54 4.36
C HIS A 109 12.34 17.88 4.01
N TYR A 110 13.20 18.59 3.28
CA TYR A 110 14.50 18.05 2.91
C TYR A 110 15.61 18.69 3.74
N SER A 111 16.63 17.89 4.03
CA SER A 111 17.80 18.41 4.75
C SER A 111 19.05 17.87 4.05
N THR A 112 20.16 17.85 4.79
CA THR A 112 21.46 17.76 4.14
C THR A 112 22.46 16.95 4.96
N ASP A 113 23.42 16.33 4.23
CA ASP A 113 24.59 15.75 4.86
C ASP A 113 25.42 16.78 5.60
N TYR A 114 25.28 18.06 5.26
CA TYR A 114 26.05 19.10 5.94
C TYR A 114 25.60 19.37 7.36
N VAL A 115 24.60 18.65 7.90
CA VAL A 115 24.34 18.76 9.33
C VAL A 115 25.37 18.01 10.14
N PHE A 116 26.20 17.20 9.49
CA PHE A 116 27.24 16.43 10.20
C PHE A 116 28.61 17.06 10.04
N ASP A 117 29.53 16.67 10.93
CA ASP A 117 30.86 17.28 10.97
C ASP A 117 31.83 16.68 9.96
N GLY A 118 31.42 15.68 9.19
CA GLY A 118 32.28 15.14 8.17
C GLY A 118 33.40 14.24 8.64
N ALA A 119 33.42 13.88 9.92
CA ALA A 119 34.44 12.95 10.38
C ALA A 119 34.16 11.53 9.91
N GLY A 120 35.19 10.68 9.97
CA GLY A 120 35.06 9.27 9.68
C GLY A 120 35.04 8.96 8.19
N SER A 121 34.77 7.69 7.88
CA SER A 121 34.64 7.25 6.50
C SER A 121 33.49 6.27 6.33
N HIS A 122 32.60 6.20 7.31
CA HIS A 122 31.46 5.29 7.31
C HIS A 122 30.22 5.99 6.75
N TYR A 123 29.24 5.17 6.36
CA TYR A 123 27.93 5.68 5.96
C TYR A 123 27.11 5.99 7.21
N ARG A 124 26.79 7.26 7.41
CA ARG A 124 26.15 7.69 8.66
C ARG A 124 24.72 7.18 8.80
N ARG A 125 24.40 6.74 10.01
CA ARG A 125 23.03 6.45 10.36
C ARG A 125 22.33 7.71 10.82
N GLU A 126 21.00 7.66 10.77
CA GLU A 126 20.17 8.86 10.98
C GLU A 126 20.34 9.47 12.37
N ASP A 127 20.58 8.66 13.39
CA ASP A 127 20.59 9.18 14.75
CA ASP A 127 20.61 9.09 14.78
C ASP A 127 22.00 9.43 15.29
N GLU A 128 22.99 9.52 14.41
CA GLU A 128 24.29 10.04 14.84
C GLU A 128 24.14 11.49 15.28
N ALA A 129 25.07 11.95 16.11
CA ALA A 129 25.00 13.33 16.56
C ALA A 129 25.32 14.27 15.40
N THR A 130 24.60 15.37 15.33
CA THR A 130 24.90 16.38 14.33
C THR A 130 25.95 17.34 14.86
N GLY A 131 26.57 18.08 13.94
CA GLY A 131 27.65 18.97 14.28
C GLY A 131 28.10 19.73 13.06
N PRO A 132 27.21 20.58 12.54
CA PRO A 132 27.50 21.25 11.26
C PRO A 132 28.72 22.14 11.34
N LEU A 133 29.39 22.30 10.19
CA LEU A 133 30.60 23.10 10.10
C LEU A 133 30.37 24.47 9.46
N ASN A 134 29.14 24.73 9.01
CA ASN A 134 28.87 25.91 8.20
C ASN A 134 27.44 26.36 8.46
N VAL A 135 27.15 27.59 8.02
CA VAL A 135 25.84 28.21 8.28
C VAL A 135 24.72 27.43 7.62
N TYR A 136 24.93 26.99 6.38
CA TYR A 136 23.94 26.15 5.71
C TYR A 136 23.56 24.96 6.59
N GLY A 137 24.54 24.20 7.06
CA GLY A 137 24.23 23.04 7.89
C GLY A 137 23.62 23.42 9.22
N GLU A 138 24.09 24.52 9.82
CA GLU A 138 23.56 24.95 11.11
CA GLU A 138 23.55 24.93 11.12
C GLU A 138 22.09 25.32 11.00
N THR A 139 21.75 26.15 10.00
CA THR A 139 20.36 26.56 9.85
C THR A 139 19.49 25.41 9.36
N LYS A 140 20.03 24.52 8.54
CA LYS A 140 19.27 23.34 8.14
C LYS A 140 18.98 22.44 9.34
N ARG A 141 19.96 22.23 10.22
CA ARG A 141 19.70 21.39 11.38
C ARG A 141 18.69 22.05 12.32
N ALA A 142 18.78 23.38 12.48
CA ALA A 142 17.81 24.07 13.32
C ALA A 142 16.40 23.90 12.78
N GLY A 143 16.25 23.95 11.46
CA GLY A 143 14.94 23.70 10.86
C GLY A 143 14.45 22.28 11.09
N GLU A 144 15.35 21.30 10.99
CA GLU A 144 14.98 19.92 11.34
C GLU A 144 14.38 19.88 12.74
N LEU A 145 15.08 20.47 13.71
CA LEU A 145 14.59 20.43 15.08
C LEU A 145 13.27 21.16 15.23
N ALA A 146 13.09 22.28 14.51
CA ALA A 146 11.83 23.00 14.56
C ALA A 146 10.68 22.14 14.06
N LEU A 147 10.91 21.37 12.99
CA LEU A 147 9.88 20.50 12.46
C LEU A 147 9.60 19.34 13.40
N GLU A 148 10.66 18.73 13.97
CA GLU A 148 10.45 17.63 14.92
C GLU A 148 9.60 18.09 16.10
N GLN A 149 9.87 19.29 16.61
CA GLN A 149 9.12 19.79 17.75
C GLN A 149 7.75 20.30 17.36
N GLY A 150 7.58 20.74 16.12
CA GLY A 150 6.37 21.46 15.74
C GLY A 150 5.27 20.59 15.15
N ASN A 151 5.65 19.52 14.47
CA ASN A 151 4.67 18.66 13.81
C ASN A 151 5.15 17.23 13.84
N PRO A 152 4.62 16.40 14.73
CA PRO A 152 5.03 14.98 14.79
C PRO A 152 4.78 14.22 13.50
N ARG A 153 3.83 14.68 12.70
CA ARG A 153 3.45 14.00 11.46
CA ARG A 153 3.44 14.01 11.46
C ARG A 153 4.30 14.57 10.33
N HIS A 154 5.54 14.08 10.24
CA HIS A 154 6.50 14.62 9.29
C HIS A 154 7.40 13.54 8.69
N LEU A 155 8.02 13.91 7.56
CA LEU A 155 9.08 13.13 6.93
C LEU A 155 10.21 14.12 6.66
N ILE A 156 11.38 13.87 7.25
CA ILE A 156 12.58 14.65 6.97
C ILE A 156 13.53 13.77 6.17
N PHE A 157 13.91 14.22 4.96
CA PHE A 157 14.79 13.45 4.07
C PHE A 157 16.10 14.19 3.93
N ARG A 158 17.15 13.70 4.57
CA ARG A 158 18.49 14.26 4.36
C ARG A 158 19.04 13.73 3.06
N THR A 159 19.56 14.62 2.22
CA THR A 159 20.12 14.17 0.96
C THR A 159 21.39 14.94 0.70
N SER A 160 22.01 14.71 -0.46
CA SER A 160 23.35 15.20 -0.72
C SER A 160 23.57 15.42 -2.21
N TRP A 161 24.31 16.47 -2.54
CA TRP A 161 24.93 16.61 -3.85
C TRP A 161 23.88 16.48 -4.96
N VAL A 162 22.82 17.28 -4.85
CA VAL A 162 21.64 17.09 -5.72
C VAL A 162 21.90 17.69 -7.10
N TYR A 163 21.49 16.95 -8.14
CA TYR A 163 21.64 17.39 -9.53
C TYR A 163 20.34 17.06 -10.26
N ALA A 164 20.19 17.63 -11.45
CA ALA A 164 18.99 17.42 -12.27
C ALA A 164 19.29 17.93 -13.67
N THR A 165 18.44 17.54 -14.62
CA THR A 165 18.55 18.08 -15.97
C THR A 165 18.22 19.55 -16.01
N ARG A 166 17.28 19.98 -15.16
CA ARG A 166 16.82 21.37 -15.09
C ARG A 166 17.37 21.96 -13.80
N GLY A 167 18.09 23.06 -13.92
CA GLY A 167 18.70 23.69 -12.77
C GLY A 167 20.21 23.69 -12.86
N ALA A 168 20.83 24.29 -11.85
CA ALA A 168 22.28 24.41 -11.81
C ALA A 168 22.82 23.40 -10.81
N ASN A 169 23.94 22.78 -11.17
CA ASN A 169 24.49 21.72 -10.32
C ASN A 169 25.87 21.34 -10.84
N PHE A 170 26.55 20.50 -10.06
CA PHE A 170 27.93 20.16 -10.36
C PHE A 170 28.08 19.44 -11.69
N ALA A 171 27.14 18.54 -12.03
CA ALA A 171 27.27 17.77 -13.26
C ALA A 171 27.23 18.69 -14.48
N LYS A 172 26.26 19.60 -14.50
CA LYS A 172 26.11 20.50 -15.64
C LYS A 172 27.25 21.51 -15.69
N THR A 173 27.71 21.96 -14.52
CA THR A 173 28.85 22.88 -14.47
C THR A 173 30.10 22.20 -15.00
N MET A 174 30.36 20.95 -14.59
CA MET A 174 31.51 20.21 -15.11
C MET A 174 31.42 20.05 -16.62
N LEU A 175 30.23 19.67 -17.10
CA LEU A 175 30.04 19.45 -18.53
C LEU A 175 30.33 20.74 -19.31
N ARG A 176 29.88 21.88 -18.79
CA ARG A 176 30.18 23.16 -19.46
C ARG A 176 31.68 23.46 -19.43
N LEU A 177 32.30 23.34 -18.26
CA LEU A 177 33.73 23.66 -18.15
C LEU A 177 34.57 22.73 -19.02
N ALA A 178 34.19 21.46 -19.11
CA ALA A 178 34.94 20.53 -19.96
C ALA A 178 34.91 20.91 -21.43
N GLY A 179 33.93 21.72 -21.84
CA GLY A 179 33.93 22.21 -23.21
C GLY A 179 35.03 23.21 -23.49
N GLU A 180 35.50 23.90 -22.45
CA GLU A 180 36.41 25.03 -22.61
C GLU A 180 37.81 24.81 -22.06
N LYS A 181 37.96 24.03 -21.00
CA LYS A 181 39.22 23.93 -20.27
C LYS A 181 39.91 22.60 -20.57
N GLU A 182 41.23 22.64 -20.77
CA GLU A 182 41.97 21.43 -21.06
C GLU A 182 42.29 20.63 -19.80
N THR A 183 42.39 21.29 -18.65
CA THR A 183 42.64 20.62 -17.39
CA THR A 183 42.67 20.64 -17.38
C THR A 183 41.73 21.19 -16.32
N LEU A 184 41.26 20.32 -15.43
CA LEU A 184 40.42 20.71 -14.31
C LEU A 184 41.02 20.15 -13.05
N SER A 185 41.07 20.97 -12.00
CA SER A 185 41.53 20.55 -10.68
C SER A 185 40.30 20.50 -9.78
N ILE A 186 39.97 19.30 -9.29
CA ILE A 186 38.70 19.03 -8.61
CA ILE A 186 38.70 19.05 -8.61
C ILE A 186 38.99 18.33 -7.30
N ILE A 187 38.21 18.67 -6.27
CA ILE A 187 38.45 18.13 -4.93
C ILE A 187 38.24 16.63 -4.93
N ASP A 188 39.18 15.89 -4.35
CA ASP A 188 39.10 14.44 -4.34
C ASP A 188 39.00 13.84 -2.94
N ASP A 189 38.83 14.65 -1.90
CA ASP A 189 38.79 14.12 -0.54
C ASP A 189 37.47 14.39 0.17
N GLN A 190 36.45 14.89 -0.55
CA GLN A 190 35.08 14.93 -0.08
C GLN A 190 34.33 13.79 -0.77
N HIS A 191 33.64 12.96 0.00
CA HIS A 191 33.01 11.76 -0.52
C HIS A 191 31.53 11.75 -0.19
N GLY A 192 30.71 11.43 -1.18
CA GLY A 192 29.28 11.36 -0.94
C GLY A 192 28.61 10.77 -2.15
N ALA A 193 27.28 10.74 -2.11
CA ALA A 193 26.48 10.17 -3.20
C ALA A 193 25.73 11.26 -3.96
N PRO A 194 26.10 11.56 -5.20
CA PRO A 194 25.24 12.40 -6.04
C PRO A 194 23.85 11.81 -6.08
N THR A 195 22.85 12.63 -5.74
CA THR A 195 21.47 12.16 -5.70
C THR A 195 20.61 12.99 -6.63
N GLY A 196 19.93 12.30 -7.54
CA GLY A 196 19.15 13.01 -8.55
C GLY A 196 17.84 13.57 -8.00
N ALA A 197 17.44 14.73 -8.52
CA ALA A 197 16.10 15.23 -8.23
C ALA A 197 15.03 14.21 -8.61
N GLU A 198 15.25 13.42 -9.66
CA GLU A 198 14.27 12.40 -10.01
C GLU A 198 14.08 11.39 -8.87
N LEU A 199 15.18 10.85 -8.35
CA LEU A 199 15.08 9.89 -7.25
C LEU A 199 14.42 10.54 -6.04
N LEU A 200 14.81 11.77 -5.70
CA LEU A 200 14.21 12.43 -4.56
C LEU A 200 12.71 12.60 -4.75
N ALA A 201 12.28 13.03 -5.94
CA ALA A 201 10.85 13.26 -6.15
C ALA A 201 10.05 11.95 -6.13
N ASP A 202 10.57 10.92 -6.78
CA ASP A 202 9.82 9.67 -6.87
C ASP A 202 9.78 8.95 -5.52
N CYS A 203 10.90 8.96 -4.79
CA CYS A 203 10.88 8.32 -3.49
C CYS A 203 10.03 9.11 -2.51
N THR A 204 9.98 10.43 -2.68
CA THR A 204 9.08 11.23 -1.85
C THR A 204 7.63 10.83 -2.06
N ALA A 205 7.20 10.74 -3.33
CA ALA A 205 5.82 10.35 -3.58
C ALA A 205 5.53 8.96 -3.00
N THR A 206 6.47 8.01 -3.17
CA THR A 206 6.28 6.68 -2.60
C THR A 206 6.16 6.75 -1.09
N ALA A 207 7.04 7.52 -0.45
CA ALA A 207 7.06 7.61 1.01
C ALA A 207 5.80 8.27 1.54
N ILE A 208 5.28 9.28 0.83
CA ILE A 208 4.05 9.91 1.26
C ILE A 208 2.91 8.89 1.26
N ARG A 209 2.77 8.15 0.16
CA ARG A 209 1.70 7.16 0.07
CA ARG A 209 1.70 7.17 0.09
C ARG A 209 1.83 6.13 1.20
N GLU A 210 3.05 5.63 1.41
CA GLU A 210 3.25 4.62 2.45
C GLU A 210 3.05 5.18 3.85
N THR A 211 3.41 6.44 4.09
CA THR A 211 3.25 7.02 5.42
C THR A 211 1.80 7.37 5.70
N LEU A 212 1.04 7.82 4.69
CA LEU A 212 -0.39 7.99 4.92
C LEU A 212 -1.02 6.66 5.30
N ARG A 213 -0.54 5.56 4.71
CA ARG A 213 -1.06 4.24 5.03
C ARG A 213 -0.60 3.77 6.41
N ASP A 214 0.68 3.99 6.73
CA ASP A 214 1.27 3.56 8.00
C ASP A 214 1.93 4.78 8.63
N PRO A 215 1.16 5.56 9.41
CA PRO A 215 1.71 6.80 9.96
C PRO A 215 2.89 6.59 10.90
N ALA A 216 3.11 5.36 11.38
CA ALA A 216 4.28 5.08 12.21
C ALA A 216 5.58 5.30 11.46
N LEU A 217 5.52 5.42 10.13
CA LEU A 217 6.73 5.64 9.33
C LEU A 217 7.18 7.10 9.32
N ALA A 218 6.47 7.99 10.01
CA ALA A 218 6.95 9.35 10.15
C ALA A 218 8.33 9.36 10.81
N GLY A 219 9.17 10.29 10.40
CA GLY A 219 10.45 10.47 11.04
C GLY A 219 11.48 10.98 10.05
N THR A 220 12.74 10.74 10.39
CA THR A 220 13.89 11.20 9.62
C THR A 220 14.57 10.06 8.89
N TYR A 221 14.90 10.29 7.62
CA TYR A 221 15.54 9.29 6.76
C TYR A 221 16.64 9.94 5.94
N HIS A 222 17.71 9.19 5.72
CA HIS A 222 18.67 9.55 4.70
C HIS A 222 18.18 9.04 3.35
N LEU A 223 17.97 9.95 2.41
CA LEU A 223 17.44 9.61 1.09
C LEU A 223 18.49 10.03 0.07
N VAL A 224 19.38 9.09 -0.26
CA VAL A 224 20.45 9.31 -1.22
C VAL A 224 20.52 8.11 -2.14
N ALA A 225 21.10 8.33 -3.33
CA ALA A 225 21.48 7.19 -4.14
C ALA A 225 22.55 6.38 -3.41
N SER A 226 22.75 5.13 -3.86
CA SER A 226 23.68 4.24 -3.18
C SER A 226 25.09 4.45 -3.70
N GLY A 227 26.06 4.00 -2.91
CA GLY A 227 27.46 4.16 -3.28
C GLY A 227 28.02 5.50 -2.84
N GLU A 228 29.25 5.76 -3.28
CA GLU A 228 29.90 7.02 -2.94
C GLU A 228 30.96 7.33 -3.98
N THR A 229 31.26 8.61 -4.12
CA THR A 229 32.32 9.06 -5.00
C THR A 229 32.89 10.36 -4.46
N SER A 230 34.09 10.70 -4.90
CA SER A 230 34.60 12.05 -4.70
C SER A 230 34.10 12.95 -5.82
N TRP A 231 34.18 14.27 -5.60
CA TRP A 231 33.81 15.19 -6.69
C TRP A 231 34.66 14.93 -7.92
N CYS A 232 35.95 14.61 -7.70
CA CYS A 232 36.86 14.37 -8.81
C CYS A 232 36.38 13.19 -9.67
N ASP A 233 36.07 12.06 -9.05
CA ASP A 233 35.64 10.89 -9.83
C ASP A 233 34.24 11.07 -10.38
N TYR A 234 33.40 11.85 -9.70
CA TYR A 234 32.11 12.24 -10.25
C TYR A 234 32.28 12.97 -11.57
N ALA A 235 33.13 14.00 -11.60
CA ALA A 235 33.39 14.72 -12.84
C ALA A 235 33.93 13.78 -13.92
N ARG A 236 34.87 12.91 -13.56
CA ARG A 236 35.40 11.97 -14.55
C ARG A 236 34.29 11.12 -15.14
N TYR A 237 33.33 10.70 -14.29
CA TYR A 237 32.24 9.88 -14.79
C TYR A 237 31.36 10.67 -15.75
N VAL A 238 31.06 11.93 -15.40
CA VAL A 238 30.27 12.79 -16.29
C VAL A 238 30.93 12.87 -17.66
N PHE A 239 32.25 13.04 -17.70
CA PHE A 239 32.93 13.12 -18.98
C PHE A 239 32.92 11.79 -19.72
N GLU A 240 33.06 10.69 -19.00
CA GLU A 240 32.97 9.36 -19.60
C GLU A 240 31.63 9.17 -20.29
N VAL A 241 30.54 9.51 -19.60
CA VAL A 241 29.22 9.37 -20.19
C VAL A 241 29.07 10.28 -21.39
N ALA A 242 29.51 11.53 -21.26
CA ALA A 242 29.35 12.48 -22.36
C ALA A 242 30.08 11.98 -23.60
N ARG A 243 31.31 11.51 -23.42
CA ARG A 243 32.06 11.02 -24.56
C ARG A 243 31.46 9.75 -25.15
N ALA A 244 30.85 8.92 -24.31
CA ALA A 244 30.17 7.73 -24.84
C ALA A 244 28.97 8.10 -25.68
N HIS A 245 28.40 9.29 -25.50
CA HIS A 245 27.31 9.75 -26.33
C HIS A 245 27.76 10.74 -27.40
N GLY A 246 29.05 10.71 -27.73
CA GLY A 246 29.56 11.45 -28.88
C GLY A 246 29.93 12.89 -28.62
N ALA A 247 29.87 13.34 -27.36
CA ALA A 247 30.23 14.72 -27.05
C ALA A 247 31.71 14.95 -27.29
N GLU A 248 32.04 16.10 -27.87
CA GLU A 248 33.42 16.56 -28.03
C GLU A 248 33.76 17.47 -26.86
N LEU A 249 34.78 17.08 -26.09
CA LEU A 249 35.17 17.82 -24.89
C LEU A 249 36.63 18.25 -24.99
N ALA A 250 36.92 19.44 -24.49
CA ALA A 250 38.31 19.91 -24.45
C ALA A 250 39.09 19.25 -23.33
N VAL A 251 38.42 18.82 -22.26
CA VAL A 251 39.15 18.40 -21.05
C VAL A 251 40.00 17.17 -21.36
N GLN A 252 41.25 17.21 -20.89
CA GLN A 252 42.17 16.09 -21.05
CA GLN A 252 42.15 16.08 -21.05
C GLN A 252 42.52 15.43 -19.73
N GLU A 253 42.77 16.21 -18.69
CA GLU A 253 43.09 15.64 -17.39
C GLU A 253 42.25 16.30 -16.31
N VAL A 254 41.78 15.48 -15.38
CA VAL A 254 41.15 15.94 -14.15
C VAL A 254 42.12 15.62 -13.01
N LYS A 255 42.64 16.65 -12.37
CA LYS A 255 43.61 16.48 -11.29
C LYS A 255 42.88 16.57 -9.96
N GLY A 256 43.07 15.55 -9.12
CA GLY A 256 42.48 15.59 -7.79
C GLY A 256 43.30 16.47 -6.86
N ILE A 257 42.59 17.29 -6.08
CA ILE A 257 43.24 18.19 -5.11
C ILE A 257 42.55 18.05 -3.76
N PRO A 258 43.25 18.29 -2.66
CA PRO A 258 42.61 18.24 -1.34
C PRO A 258 41.78 19.48 -1.09
N THR A 259 40.87 19.37 -0.12
CA THR A 259 40.05 20.52 0.26
C THR A 259 40.90 21.68 0.72
N THR A 260 42.07 21.42 1.30
CA THR A 260 42.95 22.48 1.77
C THR A 260 43.57 23.29 0.64
N ALA A 261 43.52 22.80 -0.60
CA ALA A 261 44.27 23.45 -1.68
C ALA A 261 43.76 24.86 -1.94
N TYR A 262 42.46 25.02 -2.13
CA TYR A 262 41.85 26.34 -2.31
C TYR A 262 40.65 26.47 -1.37
N PRO A 263 40.79 27.22 -0.28
CA PRO A 263 39.71 27.27 0.70
C PRO A 263 38.51 28.05 0.21
N THR A 264 37.35 27.70 0.77
CA THR A 264 36.05 28.26 0.50
C THR A 264 35.51 29.00 1.73
N PRO A 265 34.63 29.98 1.53
CA PRO A 265 34.05 30.68 2.70
C PRO A 265 33.40 29.72 3.70
N ALA A 266 32.70 28.71 3.21
CA ALA A 266 32.08 27.71 4.05
C ALA A 266 33.00 26.50 4.20
N LYS A 267 33.29 26.12 5.44
CA LYS A 267 34.01 24.89 5.70
C LYS A 267 33.13 23.68 5.36
N ARG A 268 33.71 22.73 4.62
CA ARG A 268 32.89 21.62 4.17
C ARG A 268 33.29 20.30 4.82
N PRO A 269 32.34 19.43 5.09
CA PRO A 269 32.66 18.12 5.66
C PRO A 269 33.35 17.24 4.63
N LEU A 270 34.29 16.42 5.09
CA LEU A 270 34.97 15.51 4.19
C LEU A 270 34.15 14.23 3.95
N ASN A 271 33.53 13.68 4.99
CA ASN A 271 32.72 12.47 4.84
C ASN A 271 31.25 12.85 4.77
N SER A 272 30.67 12.77 3.58
CA SER A 272 29.24 13.03 3.36
C SER A 272 28.47 11.76 3.07
N ARG A 273 29.06 10.60 3.37
CA ARG A 273 28.35 9.33 3.19
C ARG A 273 27.19 9.24 4.17
N LEU A 274 26.01 8.90 3.66
CA LEU A 274 24.82 8.68 4.47
C LEU A 274 24.32 7.27 4.19
N SER A 275 24.12 6.48 5.25
CA SER A 275 23.47 5.18 5.05
C SER A 275 22.03 5.38 4.63
N ASN A 276 21.63 4.71 3.54
CA ASN A 276 20.24 4.81 3.09
C ASN A 276 19.46 3.53 3.37
N GLU A 277 19.92 2.71 4.33
CA GLU A 277 19.24 1.46 4.62
C GLU A 277 17.88 1.68 5.28
N LYS A 278 17.77 2.68 6.15
CA LYS A 278 16.50 2.87 6.85
C LYS A 278 15.37 3.14 5.87
N PHE A 279 15.61 4.00 4.89
CA PHE A 279 14.60 4.32 3.89
C PHE A 279 14.23 3.10 3.06
N GLN A 280 15.24 2.37 2.57
CA GLN A 280 14.97 1.17 1.78
C GLN A 280 14.09 0.18 2.55
N GLN A 281 14.42 -0.05 3.81
CA GLN A 281 13.67 -1.03 4.59
C GLN A 281 12.27 -0.52 4.93
N ALA A 282 12.13 0.78 5.22
CA ALA A 282 10.85 1.29 5.68
C ALA A 282 9.84 1.37 4.53
N PHE A 283 10.31 1.73 3.36
CA PHE A 283 9.41 2.05 2.24
C PHE A 283 9.48 1.03 1.12
N GLY A 284 10.29 -0.02 1.24
CA GLY A 284 10.29 -1.09 0.25
C GLY A 284 10.76 -0.64 -1.11
N VAL A 285 11.83 0.14 -1.16
CA VAL A 285 12.35 0.64 -2.40
C VAL A 285 13.80 0.20 -2.56
N THR A 286 14.20 0.11 -3.82
CA THR A 286 15.59 -0.05 -4.22
C THR A 286 16.17 1.32 -4.50
N LEU A 287 17.37 1.59 -3.98
CA LEU A 287 18.01 2.86 -4.29
C LEU A 287 19.25 2.57 -5.13
N PRO A 288 19.22 2.83 -6.44
CA PRO A 288 20.31 2.41 -7.31
C PRO A 288 21.59 3.17 -7.02
N ASP A 289 22.70 2.59 -7.50
CA ASP A 289 23.99 3.26 -7.46
C ASP A 289 23.89 4.64 -8.09
N TRP A 290 24.66 5.58 -7.55
CA TRP A 290 24.58 6.98 -7.99
C TRP A 290 24.86 7.16 -9.48
N ARG A 291 25.62 6.26 -10.11
CA ARG A 291 26.01 6.50 -11.50
C ARG A 291 24.79 6.53 -12.42
N GLN A 292 23.76 5.74 -12.10
CA GLN A 292 22.65 5.61 -13.03
C GLN A 292 21.94 6.94 -13.26
N GLY A 293 21.58 7.62 -12.17
CA GLY A 293 20.89 8.89 -12.33
C GLY A 293 21.76 9.95 -12.97
N VAL A 294 23.06 9.90 -12.73
CA VAL A 294 23.95 10.88 -13.33
C VAL A 294 24.07 10.64 -14.84
N ALA A 295 24.21 9.37 -15.24
CA ALA A 295 24.28 9.07 -16.67
C ALA A 295 23.03 9.53 -17.38
N ARG A 296 21.88 9.39 -16.72
CA ARG A 296 20.63 9.78 -17.33
C ARG A 296 20.56 11.29 -17.55
N VAL A 297 20.98 12.06 -16.55
CA VAL A 297 20.93 13.51 -16.68
C VAL A 297 21.93 13.99 -17.74
N VAL A 298 23.13 13.42 -17.75
CA VAL A 298 24.11 13.82 -18.78
C VAL A 298 23.52 13.58 -20.17
N THR A 299 22.91 12.42 -20.35
CA THR A 299 22.29 12.09 -21.63
C THR A 299 21.23 13.10 -22.00
N GLU A 300 20.35 13.45 -21.06
CA GLU A 300 19.29 14.42 -21.36
C GLU A 300 19.84 15.82 -21.64
N VAL A 301 20.85 16.25 -20.87
CA VAL A 301 21.43 17.57 -21.10
C VAL A 301 22.06 17.66 -22.48
N LEU A 302 22.63 16.57 -22.98
CA LEU A 302 23.20 16.55 -24.32
C LEU A 302 22.16 16.36 -25.40
N GLY A 303 20.90 16.18 -25.04
CA GLY A 303 19.87 15.99 -26.05
C GLY A 303 19.89 14.62 -26.69
N LYS A 304 20.46 13.64 -25.99
CA LYS A 304 20.63 12.29 -26.55
C LYS A 304 19.63 11.31 -25.95
N HIS B 7 17.09 -8.22 -0.75
CA HIS B 7 16.68 -8.96 -1.93
C HIS B 7 15.65 -8.18 -2.74
N HIS B 8 15.95 -7.96 -4.01
CA HIS B 8 15.17 -7.09 -4.87
C HIS B 8 14.45 -7.90 -5.94
N MET B 9 13.24 -7.49 -6.28
CA MET B 9 12.59 -8.02 -7.46
C MET B 9 13.43 -7.74 -8.70
N LYS B 10 13.30 -8.61 -9.69
CA LYS B 10 13.96 -8.44 -10.97
C LYS B 10 12.93 -7.96 -11.96
N ILE B 11 13.20 -6.83 -12.61
CA ILE B 11 12.27 -6.22 -13.55
C ILE B 11 12.91 -6.19 -14.92
N LEU B 12 12.22 -6.72 -15.93
CA LEU B 12 12.69 -6.71 -17.30
C LEU B 12 11.89 -5.66 -18.07
N LEU B 13 12.59 -4.64 -18.57
CA LEU B 13 12.00 -3.56 -19.35
C LEU B 13 12.41 -3.73 -20.80
N ILE B 14 11.43 -3.87 -21.68
CA ILE B 14 11.65 -3.99 -23.11
C ILE B 14 11.19 -2.69 -23.79
N GLY B 15 11.95 -2.23 -24.77
CA GLY B 15 11.64 -0.96 -25.41
C GLY B 15 12.17 0.25 -24.66
N LYS B 16 13.34 0.12 -24.04
CA LYS B 16 13.79 1.10 -23.07
C LYS B 16 14.02 2.49 -23.67
N ASN B 17 14.19 2.60 -24.98
CA ASN B 17 14.58 3.87 -25.59
C ASN B 17 13.42 4.71 -26.12
N GLY B 18 12.20 4.19 -26.04
CA GLY B 18 11.06 4.91 -26.56
C GLY B 18 10.60 6.00 -25.61
N GLN B 19 9.53 6.67 -26.00
CA GLN B 19 9.01 7.77 -25.17
C GLN B 19 8.65 7.27 -23.79
N VAL B 20 7.84 6.22 -23.71
CA VAL B 20 7.46 5.70 -22.41
C VAL B 20 8.60 4.90 -21.79
N GLY B 21 9.31 4.12 -22.60
CA GLY B 21 10.42 3.34 -22.05
C GLY B 21 11.46 4.19 -21.34
N TRP B 22 11.80 5.34 -21.90
CA TRP B 22 12.80 6.19 -21.25
C TRP B 22 12.32 6.62 -19.88
N GLU B 23 11.05 7.03 -19.77
CA GLU B 23 10.55 7.44 -18.48
C GLU B 23 10.41 6.25 -17.53
N LEU B 24 10.11 5.05 -18.06
CA LEU B 24 10.10 3.86 -17.23
C LEU B 24 11.48 3.53 -16.68
N GLN B 25 12.56 3.83 -17.42
CA GLN B 25 13.88 3.59 -16.84
C GLN B 25 14.03 4.33 -15.53
N ARG B 26 13.37 5.49 -15.42
CA ARG B 26 13.35 6.24 -14.16
C ARG B 26 12.36 5.66 -13.16
N SER B 27 11.11 5.49 -13.59
CA SER B 27 10.06 5.17 -12.62
C SER B 27 10.21 3.74 -12.06
N LEU B 28 10.75 2.83 -12.86
CA LEU B 28 10.92 1.45 -12.41
C LEU B 28 12.16 1.25 -11.55
N SER B 29 13.05 2.24 -11.51
CA SER B 29 14.37 2.02 -10.90
C SER B 29 14.31 1.81 -9.40
N THR B 30 13.23 2.23 -8.72
CA THR B 30 13.14 2.02 -7.28
C THR B 30 12.32 0.80 -6.91
N LEU B 31 11.77 0.10 -7.90
CA LEU B 31 10.94 -1.05 -7.62
C LEU B 31 11.74 -2.34 -7.48
N GLY B 32 12.98 -2.35 -7.97
CA GLY B 32 13.82 -3.53 -7.90
C GLY B 32 15.00 -3.34 -8.82
N ASP B 33 15.66 -4.45 -9.15
CA ASP B 33 16.77 -4.41 -10.10
C ASP B 33 16.23 -4.44 -11.52
N VAL B 34 16.51 -3.40 -12.29
CA VAL B 34 15.98 -3.29 -13.66
C VAL B 34 17.02 -3.75 -14.66
N VAL B 35 16.59 -4.66 -15.54
CA VAL B 35 17.35 -5.03 -16.73
C VAL B 35 16.57 -4.43 -17.89
N ALA B 36 17.15 -3.43 -18.57
CA ALA B 36 16.46 -2.70 -19.62
C ALA B 36 17.11 -3.01 -20.97
N VAL B 37 16.29 -3.38 -21.96
CA VAL B 37 16.81 -3.75 -23.27
C VAL B 37 16.03 -3.01 -24.35
N ASP B 38 16.64 -2.91 -25.52
CA ASP B 38 15.97 -2.49 -26.75
C ASP B 38 16.63 -3.23 -27.90
N TYR B 39 16.17 -2.99 -29.12
CA TYR B 39 16.51 -3.93 -30.18
C TYR B 39 17.99 -3.91 -30.55
N PHE B 40 18.72 -2.87 -30.17
CA PHE B 40 20.14 -2.76 -30.49
C PHE B 40 21.03 -3.44 -29.43
N ASP B 41 20.46 -3.96 -28.35
CA ASP B 41 21.29 -4.53 -27.28
C ASP B 41 22.09 -5.72 -27.78
N LYS B 42 23.33 -5.83 -27.30
CA LYS B 42 24.27 -6.84 -27.76
C LYS B 42 24.41 -8.03 -26.83
N GLU B 43 24.26 -7.83 -25.52
CA GLU B 43 24.41 -8.94 -24.57
C GLU B 43 23.13 -9.77 -24.49
N LEU B 44 22.00 -9.13 -24.30
CA LEU B 44 20.69 -9.78 -24.32
C LEU B 44 19.93 -9.35 -25.56
N CYS B 45 19.21 -10.29 -26.17
CA CYS B 45 18.34 -9.92 -27.27
C CYS B 45 17.23 -9.01 -26.77
N GLY B 46 17.10 -7.82 -27.36
CA GLY B 46 16.04 -6.93 -26.97
C GLY B 46 15.12 -6.63 -28.14
N ASP B 47 15.25 -7.44 -29.20
CA ASP B 47 14.42 -7.32 -30.40
C ASP B 47 13.17 -8.17 -30.20
N LEU B 48 12.04 -7.50 -29.93
CA LEU B 48 10.79 -8.20 -29.69
C LEU B 48 10.30 -8.97 -30.91
N THR B 49 10.75 -8.62 -32.11
CA THR B 49 10.34 -9.36 -33.30
C THR B 49 11.15 -10.64 -33.51
N ASN B 50 12.27 -10.80 -32.81
CA ASN B 50 13.03 -12.05 -32.84
C ASN B 50 12.42 -12.94 -31.77
N LEU B 51 11.53 -13.83 -32.20
CA LEU B 51 10.68 -14.52 -31.22
C LEU B 51 11.51 -15.45 -30.34
N ASP B 52 12.45 -16.18 -30.94
CA ASP B 52 13.29 -17.07 -30.14
C ASP B 52 14.21 -16.28 -29.23
N GLY B 53 14.76 -15.16 -29.72
CA GLY B 53 15.70 -14.39 -28.93
C GLY B 53 15.06 -13.70 -27.75
N ILE B 54 13.90 -13.08 -27.96
CA ILE B 54 13.25 -12.38 -26.85
C ILE B 54 12.75 -13.38 -25.80
N ALA B 55 12.35 -14.58 -26.24
CA ALA B 55 12.02 -15.64 -25.29
C ALA B 55 13.24 -16.02 -24.46
N GLN B 56 14.40 -16.12 -25.09
CA GLN B 56 15.61 -16.46 -24.36
C GLN B 56 16.00 -15.37 -23.37
N THR B 57 15.72 -14.11 -23.68
CA THR B 57 16.02 -13.03 -22.74
C THR B 57 15.17 -13.17 -21.48
N VAL B 58 13.88 -13.50 -21.64
CA VAL B 58 13.04 -13.70 -20.47
C VAL B 58 13.55 -14.88 -19.65
N ARG B 59 13.93 -15.98 -20.32
CA ARG B 59 14.38 -17.16 -19.61
C ARG B 59 15.69 -16.90 -18.88
N THR B 60 16.57 -16.09 -19.48
CA THR B 60 17.85 -15.79 -18.85
C THR B 60 17.67 -14.85 -17.66
N VAL B 61 16.90 -13.78 -17.84
CA VAL B 61 16.78 -12.76 -16.81
C VAL B 61 15.91 -13.25 -15.66
N ARG B 62 14.99 -14.16 -15.93
CA ARG B 62 14.02 -14.64 -14.95
C ARG B 62 13.37 -13.50 -14.17
N PRO B 63 12.70 -12.57 -14.85
CA PRO B 63 12.10 -11.43 -14.17
C PRO B 63 10.92 -11.82 -13.30
N ASP B 64 10.68 -11.00 -12.28
CA ASP B 64 9.45 -11.01 -11.50
C ASP B 64 8.37 -10.13 -12.12
N VAL B 65 8.78 -9.11 -12.87
CA VAL B 65 7.88 -8.22 -13.60
C VAL B 65 8.50 -7.97 -14.98
N VAL B 66 7.68 -8.03 -16.02
CA VAL B 66 8.09 -7.71 -17.38
C VAL B 66 7.26 -6.50 -17.79
N VAL B 67 7.93 -5.43 -18.24
CA VAL B 67 7.23 -4.25 -18.73
C VAL B 67 7.58 -4.08 -20.19
N ASN B 68 6.59 -4.23 -21.06
CA ASN B 68 6.79 -4.12 -22.50
C ASN B 68 6.44 -2.72 -22.99
N ALA B 69 7.45 -1.90 -23.28
CA ALA B 69 7.26 -0.57 -23.85
C ALA B 69 7.75 -0.49 -25.30
N ALA B 70 7.87 -1.63 -25.97
CA ALA B 70 8.24 -1.68 -27.38
C ALA B 70 7.00 -1.78 -28.25
N ALA B 71 7.00 -1.09 -29.39
CA ALA B 71 5.88 -1.28 -30.31
C ALA B 71 6.21 -0.69 -31.67
N HIS B 72 5.55 -1.25 -32.69
CA HIS B 72 5.44 -0.62 -34.00
C HIS B 72 4.45 0.54 -33.91
N THR B 73 4.92 1.76 -34.12
CA THR B 73 4.10 2.95 -33.92
C THR B 73 3.97 3.79 -35.19
N ALA B 74 4.05 3.16 -36.37
CA ALA B 74 3.90 3.85 -37.66
C ALA B 74 2.58 3.38 -38.28
N VAL B 75 1.50 4.10 -37.96
CA VAL B 75 0.16 3.59 -38.19
C VAL B 75 -0.17 3.48 -39.68
N ASP B 76 0.26 4.45 -40.49
CA ASP B 76 -0.12 4.41 -41.90
C ASP B 76 0.64 3.34 -42.67
N LYS B 77 1.94 3.18 -42.40
CA LYS B 77 2.73 2.17 -43.10
C LYS B 77 2.18 0.76 -42.88
N ALA B 78 1.54 0.51 -41.73
CA ALA B 78 1.08 -0.84 -41.38
C ALA B 78 -0.04 -1.33 -42.28
N GLU B 79 -0.74 -0.44 -42.99
CA GLU B 79 -1.86 -0.88 -43.83
C GLU B 79 -1.41 -1.73 -45.00
N SER B 80 -0.22 -1.46 -45.54
CA SER B 80 0.26 -2.17 -46.73
C SER B 80 1.36 -3.17 -46.42
N GLU B 81 2.04 -3.03 -45.28
CA GLU B 81 3.09 -3.94 -44.83
C GLU B 81 2.77 -4.32 -43.38
N ARG B 82 1.94 -5.34 -43.20
CA ARG B 82 1.44 -5.72 -41.88
C ARG B 82 2.35 -6.67 -41.12
N GLU B 83 3.31 -7.32 -41.78
CA GLU B 83 4.11 -8.35 -41.14
C GLU B 83 4.80 -7.83 -39.89
N LEU B 84 5.36 -6.62 -39.95
CA LEU B 84 6.06 -6.07 -38.79
C LEU B 84 5.10 -5.78 -37.64
N SER B 85 3.90 -5.26 -37.94
CA SER B 85 2.92 -5.00 -36.89
C SER B 85 2.48 -6.29 -36.23
N ASP B 86 2.28 -7.36 -37.01
CA ASP B 86 1.96 -8.66 -36.44
C ASP B 86 3.02 -9.12 -35.44
N LEU B 87 4.30 -9.05 -35.83
CA LEU B 87 5.36 -9.49 -34.93
C LEU B 87 5.45 -8.60 -33.69
N LEU B 88 5.47 -7.27 -33.88
CA LEU B 88 5.72 -6.38 -32.76
C LEU B 88 4.55 -6.28 -31.80
N ASN B 89 3.31 -6.28 -32.33
CA ASN B 89 2.13 -6.00 -31.53
C ASN B 89 1.36 -7.25 -31.12
N ASP B 90 1.65 -8.39 -31.73
CA ASP B 90 0.85 -9.59 -31.52
C ASP B 90 1.75 -10.79 -31.17
N LYS B 91 2.50 -11.30 -32.15
CA LYS B 91 3.28 -12.52 -31.91
C LYS B 91 4.31 -12.32 -30.81
N GLY B 92 5.05 -11.20 -30.84
CA GLY B 92 6.03 -10.97 -29.79
C GLY B 92 5.40 -10.80 -28.42
N VAL B 93 4.23 -10.16 -28.38
CA VAL B 93 3.50 -10.02 -27.12
C VAL B 93 3.07 -11.39 -26.61
N ALA B 94 2.62 -12.27 -27.50
CA ALA B 94 2.24 -13.63 -27.10
C ALA B 94 3.42 -14.37 -26.51
N VAL B 95 4.62 -14.20 -27.08
CA VAL B 95 5.81 -14.85 -26.54
C VAL B 95 6.12 -14.32 -25.15
N LEU B 96 6.13 -12.99 -24.99
CA LEU B 96 6.32 -12.41 -23.66
C LEU B 96 5.30 -12.93 -22.67
N ALA B 97 4.03 -13.03 -23.10
CA ALA B 97 2.98 -13.52 -22.21
C ALA B 97 3.26 -14.96 -21.78
N ALA B 98 3.62 -15.82 -22.73
CA ALA B 98 3.88 -17.22 -22.44
C ALA B 98 5.09 -17.38 -21.52
N GLU B 99 6.19 -16.67 -21.80
CA GLU B 99 7.41 -16.82 -21.02
C GLU B 99 7.28 -16.18 -19.65
N SER B 100 6.62 -15.02 -19.55
CA SER B 100 6.40 -14.46 -18.23
C SER B 100 5.45 -15.32 -17.41
N ALA B 101 4.46 -15.94 -18.04
CA ALA B 101 3.52 -16.77 -17.29
C ALA B 101 4.20 -18.01 -16.73
N LYS B 102 5.13 -18.60 -17.48
CA LYS B 102 5.86 -19.75 -16.98
C LYS B 102 6.61 -19.43 -15.69
N LEU B 103 7.06 -18.18 -15.56
CA LEU B 103 7.80 -17.72 -14.40
C LEU B 103 6.91 -17.19 -13.29
N GLY B 104 5.62 -17.03 -13.54
CA GLY B 104 4.74 -16.38 -12.57
C GLY B 104 4.97 -14.89 -12.49
N ALA B 105 5.56 -14.29 -13.52
CA ALA B 105 5.84 -12.87 -13.52
C ALA B 105 4.59 -12.07 -13.89
N LEU B 106 4.50 -10.87 -13.32
CA LEU B 106 3.50 -9.89 -13.70
C LEU B 106 3.95 -9.20 -14.97
N MET B 107 3.10 -9.15 -15.99
CA MET B 107 3.46 -8.54 -17.26
C MET B 107 2.62 -7.31 -17.49
N VAL B 108 3.28 -6.19 -17.78
CA VAL B 108 2.64 -4.93 -18.11
C VAL B 108 2.77 -4.69 -19.61
N HIS B 109 1.68 -4.27 -20.25
CA HIS B 109 1.66 -4.04 -21.69
C HIS B 109 0.81 -2.82 -21.98
N TYR B 110 1.21 -2.03 -22.96
CA TYR B 110 0.46 -0.84 -23.36
C TYR B 110 -0.32 -1.10 -24.63
N SER B 111 -1.51 -0.51 -24.71
CA SER B 111 -2.32 -0.62 -25.91
C SER B 111 -2.87 0.77 -26.22
N THR B 112 -3.95 0.83 -26.98
CA THR B 112 -4.28 2.04 -27.73
C THR B 112 -5.79 2.24 -27.84
N ASP B 113 -6.18 3.52 -27.90
CA ASP B 113 -7.55 3.87 -28.29
C ASP B 113 -7.91 3.33 -29.66
N TYR B 114 -6.92 2.98 -30.49
CA TYR B 114 -7.20 2.49 -31.83
C TYR B 114 -7.80 1.09 -31.83
N VAL B 115 -7.93 0.41 -30.70
CA VAL B 115 -8.67 -0.86 -30.73
C VAL B 115 -10.16 -0.64 -30.87
N PHE B 116 -10.65 0.61 -30.74
CA PHE B 116 -12.07 0.93 -30.86
C PHE B 116 -12.40 1.55 -32.22
N ASP B 117 -13.71 1.57 -32.53
CA ASP B 117 -14.15 2.01 -33.85
C ASP B 117 -14.31 3.52 -33.97
N GLY B 118 -14.06 4.28 -32.92
CA GLY B 118 -14.12 5.72 -33.03
C GLY B 118 -15.50 6.32 -33.07
N ALA B 119 -16.55 5.52 -32.91
CA ALA B 119 -17.92 6.04 -32.95
C ALA B 119 -18.27 6.72 -31.63
N GLY B 120 -19.36 7.48 -31.66
CA GLY B 120 -19.91 8.11 -30.47
C GLY B 120 -19.14 9.35 -30.04
N SER B 121 -19.51 9.85 -28.86
CA SER B 121 -18.83 10.99 -28.25
C SER B 121 -18.52 10.77 -26.78
N HIS B 122 -18.74 9.57 -26.27
CA HIS B 122 -18.57 9.28 -24.85
C HIS B 122 -17.15 8.80 -24.57
N TYR B 123 -16.78 8.87 -23.29
CA TYR B 123 -15.53 8.28 -22.82
C TYR B 123 -15.69 6.78 -22.70
N ARG B 124 -14.95 6.03 -23.50
CA ARG B 124 -15.14 4.58 -23.56
C ARG B 124 -14.72 3.90 -22.27
N ARG B 125 -15.53 2.95 -21.82
CA ARG B 125 -15.16 2.11 -20.69
C ARG B 125 -14.42 0.86 -21.16
N GLU B 126 -13.71 0.24 -20.22
CA GLU B 126 -12.77 -0.82 -20.57
C GLU B 126 -13.45 -2.03 -21.21
N ASP B 127 -14.66 -2.36 -20.76
CA ASP B 127 -15.33 -3.56 -21.23
C ASP B 127 -16.17 -3.33 -22.47
N GLU B 128 -16.13 -2.14 -23.06
CA GLU B 128 -16.90 -1.93 -24.29
C GLU B 128 -16.28 -2.71 -25.44
N ALA B 129 -17.12 -3.09 -26.40
CA ALA B 129 -16.66 -3.92 -27.50
C ALA B 129 -15.62 -3.18 -28.34
N THR B 130 -14.55 -3.89 -28.69
CA THR B 130 -13.55 -3.35 -29.59
C THR B 130 -13.97 -3.53 -31.04
N GLY B 131 -13.26 -2.85 -31.93
CA GLY B 131 -13.60 -2.89 -33.33
C GLY B 131 -12.67 -1.99 -34.12
N PRO B 132 -11.40 -2.38 -34.21
CA PRO B 132 -10.39 -1.48 -34.80
C PRO B 132 -10.69 -1.16 -36.26
N LEU B 133 -10.31 0.06 -36.66
CA LEU B 133 -10.53 0.53 -38.02
C LEU B 133 -9.31 0.35 -38.90
N ASN B 134 -8.21 -0.17 -38.39
CA ASN B 134 -6.98 -0.20 -39.14
C ASN B 134 -6.11 -1.35 -38.66
N VAL B 135 -5.07 -1.65 -39.45
CA VAL B 135 -4.22 -2.81 -39.17
C VAL B 135 -3.53 -2.65 -37.82
N TYR B 136 -2.96 -1.47 -37.56
CA TYR B 136 -2.32 -1.21 -36.28
C TYR B 136 -3.25 -1.57 -35.13
N GLY B 137 -4.49 -1.07 -35.17
CA GLY B 137 -5.42 -1.37 -34.10
C GLY B 137 -5.78 -2.85 -34.02
N GLU B 138 -5.93 -3.49 -35.18
CA GLU B 138 -6.20 -4.93 -35.19
C GLU B 138 -5.06 -5.69 -34.52
N THR B 139 -3.81 -5.37 -34.88
CA THR B 139 -2.69 -6.11 -34.30
C THR B 139 -2.51 -5.78 -32.81
N LYS B 140 -2.76 -4.53 -32.41
CA LYS B 140 -2.69 -4.20 -30.99
C LYS B 140 -3.75 -4.97 -30.20
N ARG B 141 -4.97 -5.06 -30.72
CA ARG B 141 -6.00 -5.79 -30.01
C ARG B 141 -5.69 -7.28 -29.98
N ALA B 142 -5.12 -7.80 -31.06
CA ALA B 142 -4.73 -9.21 -31.07
C ALA B 142 -3.71 -9.49 -29.96
N GLY B 143 -2.76 -8.58 -29.77
CA GLY B 143 -1.80 -8.76 -28.69
C GLY B 143 -2.45 -8.67 -27.32
N GLU B 144 -3.41 -7.74 -27.14
CA GLU B 144 -4.19 -7.73 -25.91
C GLU B 144 -4.77 -9.11 -25.63
N LEU B 145 -5.44 -9.70 -26.62
CA LEU B 145 -6.09 -10.99 -26.40
C LEU B 145 -5.06 -12.07 -26.11
N ALA B 146 -3.91 -12.03 -26.78
CA ALA B 146 -2.86 -13.02 -26.53
C ALA B 146 -2.36 -12.93 -25.09
N LEU B 147 -2.22 -11.71 -24.58
CA LEU B 147 -1.78 -11.55 -23.20
C LEU B 147 -2.87 -12.00 -22.22
N GLU B 148 -4.12 -11.63 -22.48
CA GLU B 148 -5.22 -12.04 -21.61
C GLU B 148 -5.27 -13.55 -21.47
N GLN B 149 -5.02 -14.26 -22.57
CA GLN B 149 -5.11 -15.71 -22.56
C GLN B 149 -3.81 -16.36 -22.09
N GLY B 150 -2.68 -15.69 -22.32
CA GLY B 150 -1.38 -16.28 -22.06
C GLY B 150 -0.87 -16.06 -20.66
N ASN B 151 -1.21 -14.94 -20.04
CA ASN B 151 -0.75 -14.66 -18.67
C ASN B 151 -1.84 -13.91 -17.91
N PRO B 152 -2.60 -14.60 -17.08
CA PRO B 152 -3.61 -13.91 -16.25
C PRO B 152 -3.04 -12.84 -15.36
N ARG B 153 -1.76 -12.93 -15.01
CA ARG B 153 -1.12 -11.98 -14.11
CA ARG B 153 -1.11 -11.99 -14.10
C ARG B 153 -0.56 -10.83 -14.94
N HIS B 154 -1.46 -9.91 -15.31
CA HIS B 154 -1.08 -8.87 -16.26
C HIS B 154 -1.75 -7.54 -15.94
N LEU B 155 -1.16 -6.47 -16.48
CA LEU B 155 -1.76 -5.15 -16.54
C LEU B 155 -1.69 -4.66 -17.97
N ILE B 156 -2.84 -4.38 -18.57
CA ILE B 156 -2.92 -3.82 -19.92
C ILE B 156 -3.41 -2.37 -19.78
N PHE B 157 -2.59 -1.44 -20.23
CA PHE B 157 -2.92 -0.01 -20.12
C PHE B 157 -3.16 0.53 -21.53
N ARG B 158 -4.42 0.78 -21.88
CA ARG B 158 -4.73 1.48 -23.13
C ARG B 158 -4.49 2.97 -22.95
N THR B 159 -3.78 3.58 -23.89
CA THR B 159 -3.49 5.00 -23.77
C THR B 159 -3.59 5.63 -25.15
N SER B 160 -3.32 6.94 -25.22
CA SER B 160 -3.58 7.67 -26.45
C SER B 160 -2.65 8.87 -26.57
N TRP B 161 -2.26 9.18 -27.80
CA TRP B 161 -1.68 10.47 -28.15
C TRP B 161 -0.48 10.79 -27.26
N VAL B 162 0.49 9.88 -27.23
CA VAL B 162 1.57 9.96 -26.24
C VAL B 162 2.64 10.94 -26.69
N TYR B 163 3.12 11.76 -25.77
CA TYR B 163 4.16 12.75 -26.03
C TYR B 163 5.16 12.71 -24.89
N ALA B 164 6.32 13.33 -25.10
CA ALA B 164 7.40 13.34 -24.12
C ALA B 164 8.39 14.43 -24.50
N THR B 165 9.23 14.82 -23.55
CA THR B 165 10.29 15.77 -23.86
C THR B 165 11.31 15.14 -24.81
N ARG B 166 11.54 13.85 -24.64
CA ARG B 166 12.52 13.09 -25.40
C ARG B 166 11.74 12.17 -26.33
N GLY B 167 12.02 12.26 -27.62
CA GLY B 167 11.32 11.49 -28.64
C GLY B 167 10.59 12.38 -29.60
N ALA B 168 9.86 11.73 -30.51
CA ALA B 168 9.12 12.41 -31.56
C ALA B 168 7.64 12.33 -31.22
N ASN B 169 6.92 13.42 -31.41
CA ASN B 169 5.50 13.42 -31.06
C ASN B 169 4.86 14.69 -31.61
N PHE B 170 3.54 14.75 -31.50
CA PHE B 170 2.78 15.85 -32.10
C PHE B 170 3.15 17.19 -31.47
N ALA B 171 3.33 17.22 -30.14
CA ALA B 171 3.62 18.48 -29.48
C ALA B 171 4.90 19.10 -30.00
N LYS B 172 5.97 18.31 -30.07
CA LYS B 172 7.25 18.83 -30.54
C LYS B 172 7.20 19.15 -32.03
N THR B 173 6.52 18.33 -32.83
CA THR B 173 6.41 18.64 -34.26
C THR B 173 5.67 19.94 -34.50
N MET B 174 4.57 20.16 -33.78
CA MET B 174 3.81 21.40 -33.96
C MET B 174 4.63 22.60 -33.52
N LEU B 175 5.31 22.48 -32.38
CA LEU B 175 6.16 23.57 -31.90
C LEU B 175 7.21 23.94 -32.94
N ARG B 176 7.84 22.93 -33.56
CA ARG B 176 8.82 23.24 -34.60
C ARG B 176 8.16 23.93 -35.78
N LEU B 177 7.05 23.38 -36.27
CA LEU B 177 6.38 23.95 -37.44
C LEU B 177 5.91 25.37 -37.16
N ALA B 178 5.45 25.64 -35.94
CA ALA B 178 4.97 26.98 -35.61
C ALA B 178 6.08 28.02 -35.68
N GLY B 179 7.34 27.60 -35.62
CA GLY B 179 8.43 28.54 -35.80
C GLY B 179 8.67 28.93 -37.24
N GLU B 180 8.18 28.12 -38.18
CA GLU B 180 8.44 28.27 -39.61
C GLU B 180 7.26 28.78 -40.39
N LYS B 181 6.05 28.34 -40.07
CA LYS B 181 4.88 28.57 -40.90
C LYS B 181 3.98 29.65 -40.32
N GLU B 182 3.43 30.50 -41.20
CA GLU B 182 2.52 31.54 -40.74
C GLU B 182 1.11 30.99 -40.47
N THR B 183 0.72 29.93 -41.16
CA THR B 183 -0.57 29.32 -40.91
CA THR B 183 -0.59 29.32 -40.95
C THR B 183 -0.43 27.80 -40.88
N LEU B 184 -1.24 27.16 -40.05
CA LEU B 184 -1.25 25.72 -39.93
C LEU B 184 -2.69 25.24 -40.03
N SER B 185 -2.89 24.13 -40.74
CA SER B 185 -4.18 23.47 -40.84
C SER B 185 -4.09 22.17 -40.08
N ILE B 186 -4.98 21.99 -39.10
CA ILE B 186 -4.87 20.88 -38.15
C ILE B 186 -6.25 20.27 -37.94
N ILE B 187 -6.29 18.95 -37.82
CA ILE B 187 -7.56 18.24 -37.71
C ILE B 187 -8.27 18.64 -36.43
N ASP B 188 -9.56 18.94 -36.54
CA ASP B 188 -10.31 19.41 -35.38
C ASP B 188 -11.48 18.49 -34.99
N ASP B 189 -11.59 17.30 -35.60
CA ASP B 189 -12.73 16.44 -35.33
C ASP B 189 -12.31 15.06 -34.82
N GLN B 190 -11.03 14.88 -34.49
CA GLN B 190 -10.57 13.73 -33.73
C GLN B 190 -10.32 14.21 -32.31
N HIS B 191 -10.94 13.55 -31.33
CA HIS B 191 -10.91 13.98 -29.94
C HIS B 191 -10.31 12.91 -29.06
N GLY B 192 -9.45 13.33 -28.15
CA GLY B 192 -8.80 12.41 -27.24
C GLY B 192 -7.99 13.18 -26.22
N ALA B 193 -7.27 12.43 -25.39
CA ALA B 193 -6.48 13.03 -24.31
C ALA B 193 -5.01 12.81 -24.56
N PRO B 194 -4.25 13.87 -24.89
CA PRO B 194 -2.79 13.76 -24.90
C PRO B 194 -2.32 13.24 -23.55
N THR B 195 -1.48 12.20 -23.58
CA THR B 195 -1.03 11.55 -22.35
C THR B 195 0.49 11.50 -22.33
N GLY B 196 1.08 12.04 -21.26
CA GLY B 196 2.52 12.15 -21.20
C GLY B 196 3.18 10.82 -20.87
N ALA B 197 4.37 10.61 -21.43
CA ALA B 197 5.18 9.47 -21.00
C ALA B 197 5.45 9.52 -19.51
N GLU B 198 5.58 10.71 -18.93
CA GLU B 198 5.77 10.80 -17.48
C GLU B 198 4.61 10.18 -16.72
N LEU B 199 3.37 10.57 -17.08
CA LEU B 199 2.19 10.03 -16.41
C LEU B 199 2.13 8.52 -16.59
N LEU B 200 2.40 8.04 -17.80
CA LEU B 200 2.33 6.60 -18.03
C LEU B 200 3.38 5.86 -17.20
N ALA B 201 4.60 6.38 -17.14
CA ALA B 201 5.64 5.68 -16.38
C ALA B 201 5.36 5.71 -14.88
N ASP B 202 4.91 6.85 -14.36
CA ASP B 202 4.70 6.96 -12.92
C ASP B 202 3.50 6.14 -12.47
N CYS B 203 2.42 6.21 -13.25
CA CYS B 203 1.25 5.39 -12.94
C CYS B 203 1.54 3.91 -13.11
N THR B 204 2.42 3.55 -14.04
CA THR B 204 2.79 2.15 -14.19
C THR B 204 3.51 1.66 -12.95
N ALA B 205 4.47 2.45 -12.45
CA ALA B 205 5.17 2.02 -11.24
C ALA B 205 4.21 1.89 -10.08
N THR B 206 3.30 2.86 -9.92
CA THR B 206 2.32 2.81 -8.84
C THR B 206 1.43 1.57 -8.98
N ALA B 207 0.95 1.32 -10.20
CA ALA B 207 0.08 0.17 -10.41
C ALA B 207 0.80 -1.16 -10.18
N ILE B 208 2.08 -1.25 -10.57
CA ILE B 208 2.84 -2.47 -10.28
C ILE B 208 2.91 -2.70 -8.77
N ARG B 209 3.28 -1.66 -8.02
CA ARG B 209 3.38 -1.82 -6.57
CA ARG B 209 3.38 -1.81 -6.56
C ARG B 209 2.03 -2.22 -5.97
N GLU B 210 0.95 -1.60 -6.45
CA GLU B 210 -0.36 -1.87 -5.87
C GLU B 210 -0.87 -3.25 -6.27
N THR B 211 -0.53 -3.71 -7.47
CA THR B 211 -1.00 -5.02 -7.95
C THR B 211 -0.22 -6.15 -7.30
N LEU B 212 1.09 -5.97 -7.09
CA LEU B 212 1.83 -6.94 -6.30
C LEU B 212 1.23 -7.08 -4.91
N ARG B 213 0.79 -5.95 -4.33
CA ARG B 213 0.12 -5.97 -3.02
C ARG B 213 -1.25 -6.62 -3.10
N ASP B 214 -2.06 -6.26 -4.11
CA ASP B 214 -3.41 -6.76 -4.28
C ASP B 214 -3.54 -7.35 -5.68
N PRO B 215 -3.25 -8.64 -5.86
CA PRO B 215 -3.22 -9.23 -7.20
C PRO B 215 -4.55 -9.19 -7.93
N ALA B 216 -5.66 -9.01 -7.20
CA ALA B 216 -6.95 -8.88 -7.84
C ALA B 216 -7.04 -7.67 -8.75
N LEU B 217 -6.11 -6.74 -8.65
CA LEU B 217 -6.16 -5.56 -9.50
C LEU B 217 -5.61 -5.80 -10.89
N ALA B 218 -5.11 -7.01 -11.19
CA ALA B 218 -4.72 -7.34 -12.56
C ALA B 218 -5.89 -7.13 -13.50
N GLY B 219 -5.59 -6.73 -14.74
CA GLY B 219 -6.62 -6.58 -15.74
C GLY B 219 -6.28 -5.44 -16.70
N THR B 220 -7.32 -4.93 -17.35
CA THR B 220 -7.19 -3.92 -18.39
C THR B 220 -7.68 -2.58 -17.89
N TYR B 221 -6.90 -1.53 -18.12
CA TYR B 221 -7.25 -0.18 -17.68
C TYR B 221 -7.00 0.81 -18.79
N HIS B 222 -7.83 1.84 -18.84
CA HIS B 222 -7.56 3.00 -19.65
C HIS B 222 -6.73 3.97 -18.83
N LEU B 223 -5.50 4.22 -19.29
CA LEU B 223 -4.56 5.07 -18.56
C LEU B 223 -4.27 6.27 -19.45
N VAL B 224 -5.05 7.33 -19.25
CA VAL B 224 -4.90 8.58 -19.99
C VAL B 224 -5.03 9.72 -19.01
N ALA B 225 -4.46 10.86 -19.38
CA ALA B 225 -4.76 12.09 -18.67
C ALA B 225 -6.24 12.40 -18.83
N SER B 226 -6.74 13.27 -17.96
CA SER B 226 -8.17 13.56 -17.95
C SER B 226 -8.51 14.63 -18.97
N GLY B 227 -9.82 14.71 -19.30
CA GLY B 227 -10.31 15.68 -20.27
C GLY B 227 -10.12 15.23 -21.71
N GLU B 228 -10.37 16.15 -22.63
CA GLU B 228 -10.26 15.80 -24.03
C GLU B 228 -10.02 17.08 -24.83
N THR B 229 -9.41 16.90 -26.00
CA THR B 229 -9.19 18.00 -26.92
C THR B 229 -9.08 17.44 -28.33
N SER B 230 -9.19 18.33 -29.31
CA SER B 230 -8.86 17.94 -30.67
C SER B 230 -7.38 18.23 -30.92
N TRP B 231 -6.83 17.64 -31.99
CA TRP B 231 -5.45 17.96 -32.35
C TRP B 231 -5.27 19.46 -32.53
N CYS B 232 -6.27 20.11 -33.12
CA CYS B 232 -6.17 21.54 -33.39
C CYS B 232 -6.03 22.35 -32.11
N ASP B 233 -6.89 22.07 -31.13
CA ASP B 233 -6.84 22.81 -29.88
C ASP B 233 -5.65 22.39 -29.02
N TYR B 234 -5.21 21.13 -29.17
CA TYR B 234 -3.94 20.70 -28.58
C TYR B 234 -2.78 21.56 -29.09
N ALA B 235 -2.67 21.70 -30.41
CA ALA B 235 -1.62 22.54 -30.97
C ALA B 235 -1.73 23.98 -30.47
N ARG B 236 -2.96 24.51 -30.43
CA ARG B 236 -3.14 25.88 -29.94
C ARG B 236 -2.64 26.02 -28.51
N TYR B 237 -2.88 25.01 -27.67
CA TYR B 237 -2.39 25.09 -26.29
C TYR B 237 -0.88 25.05 -26.26
N VAL B 238 -0.26 24.18 -27.07
CA VAL B 238 1.20 24.14 -27.16
C VAL B 238 1.74 25.52 -27.49
N PHE B 239 1.12 26.20 -28.46
CA PHE B 239 1.62 27.52 -28.86
C PHE B 239 1.40 28.55 -27.75
N GLU B 240 0.30 28.43 -27.01
CA GLU B 240 0.04 29.35 -25.91
C GLU B 240 1.09 29.19 -24.81
N VAL B 241 1.40 27.96 -24.45
CA VAL B 241 2.44 27.72 -23.45
C VAL B 241 3.79 28.21 -23.97
N ALA B 242 4.08 27.92 -25.24
CA ALA B 242 5.39 28.31 -25.77
C ALA B 242 5.57 29.81 -25.73
N ARG B 243 4.55 30.57 -26.13
CA ARG B 243 4.70 32.03 -26.13
C ARG B 243 4.83 32.59 -24.73
N ALA B 244 4.15 31.97 -23.76
CA ALA B 244 4.26 32.42 -22.38
C ALA B 244 5.65 32.17 -21.82
N HIS B 245 6.45 31.31 -22.48
CA HIS B 245 7.82 31.03 -22.08
C HIS B 245 8.84 31.60 -23.06
N GLY B 246 8.48 32.65 -23.78
CA GLY B 246 9.42 33.41 -24.57
C GLY B 246 9.69 32.91 -25.97
N ALA B 247 8.99 31.86 -26.41
CA ALA B 247 9.19 31.36 -27.76
C ALA B 247 8.65 32.36 -28.79
N GLU B 248 9.45 32.65 -29.80
CA GLU B 248 9.04 33.52 -30.90
CA GLU B 248 9.04 33.52 -30.90
C GLU B 248 8.51 32.64 -32.02
N LEU B 249 7.20 32.62 -32.19
CA LEU B 249 6.55 31.77 -33.17
C LEU B 249 6.10 32.61 -34.36
N ALA B 250 6.18 32.00 -35.55
CA ALA B 250 5.69 32.66 -36.75
C ALA B 250 4.18 32.47 -36.94
N VAL B 251 3.60 31.42 -36.36
CA VAL B 251 2.23 31.06 -36.69
C VAL B 251 1.26 32.13 -36.20
N GLN B 252 0.41 32.62 -37.12
CA GLN B 252 -0.59 33.62 -36.77
C GLN B 252 -2.01 33.07 -36.79
N GLU B 253 -2.25 31.99 -37.52
CA GLU B 253 -3.59 31.42 -37.58
C GLU B 253 -3.50 29.90 -37.65
N VAL B 254 -4.31 29.23 -36.85
CA VAL B 254 -4.49 27.78 -36.93
C VAL B 254 -5.90 27.55 -37.46
N LYS B 255 -6.00 26.80 -38.56
CA LYS B 255 -7.27 26.54 -39.22
C LYS B 255 -7.65 25.10 -38.98
N GLY B 256 -8.83 24.88 -38.39
CA GLY B 256 -9.27 23.51 -38.14
C GLY B 256 -9.84 22.89 -39.41
N ILE B 257 -9.52 21.62 -39.62
CA ILE B 257 -10.02 20.91 -40.80
C ILE B 257 -10.62 19.57 -40.38
N PRO B 258 -11.59 19.04 -41.12
CA PRO B 258 -12.10 17.70 -40.83
C PRO B 258 -11.17 16.61 -41.34
N THR B 259 -11.35 15.42 -40.76
CA THR B 259 -10.55 14.27 -41.18
C THR B 259 -10.82 13.90 -42.64
N THR B 260 -12.01 14.21 -43.15
CA THR B 260 -12.33 13.93 -44.55
C THR B 260 -11.49 14.77 -45.52
N ALA B 261 -10.87 15.84 -45.05
CA ALA B 261 -10.21 16.78 -45.96
C ALA B 261 -8.94 16.19 -46.58
N TYR B 262 -8.27 15.27 -45.87
CA TYR B 262 -7.08 14.62 -46.38
C TYR B 262 -7.16 13.13 -46.12
N PRO B 263 -7.01 12.31 -47.15
CA PRO B 263 -7.03 10.85 -46.93
C PRO B 263 -5.73 10.36 -46.32
N THR B 264 -5.86 9.31 -45.52
CA THR B 264 -4.73 8.59 -44.96
C THR B 264 -4.91 7.10 -45.24
N PRO B 265 -3.82 6.37 -45.47
CA PRO B 265 -3.95 4.90 -45.65
C PRO B 265 -4.74 4.23 -44.54
N ALA B 266 -4.48 4.61 -43.28
CA ALA B 266 -5.17 4.01 -42.14
C ALA B 266 -6.34 4.90 -41.73
N LYS B 267 -7.53 4.32 -41.71
CA LYS B 267 -8.70 5.06 -41.23
C LYS B 267 -8.53 5.34 -39.75
N ARG B 268 -8.74 6.61 -39.37
CA ARG B 268 -8.57 7.06 -37.99
C ARG B 268 -9.91 7.12 -37.27
N PRO B 269 -9.93 6.74 -36.00
CA PRO B 269 -11.14 6.91 -35.20
C PRO B 269 -11.35 8.38 -34.85
N LEU B 270 -12.61 8.83 -34.87
CA LEU B 270 -12.86 10.22 -34.52
C LEU B 270 -13.00 10.41 -33.02
N ASN B 271 -13.63 9.49 -32.32
CA ASN B 271 -13.76 9.56 -30.87
C ASN B 271 -12.73 8.64 -30.23
N SER B 272 -11.66 9.23 -29.69
CA SER B 272 -10.64 8.49 -28.96
C SER B 272 -10.70 8.75 -27.46
N ARG B 273 -11.82 9.29 -26.98
CA ARG B 273 -11.99 9.48 -25.54
C ARG B 273 -12.02 8.13 -24.84
N LEU B 274 -11.26 8.02 -23.75
CA LEU B 274 -11.20 6.81 -22.94
C LEU B 274 -11.48 7.19 -21.50
N SER B 275 -12.48 6.56 -20.89
CA SER B 275 -12.74 6.83 -19.49
C SER B 275 -11.59 6.29 -18.64
N ASN B 276 -11.04 7.13 -17.77
CA ASN B 276 -9.97 6.71 -16.90
C ASN B 276 -10.42 6.52 -15.45
N GLU B 277 -11.73 6.31 -15.25
CA GLU B 277 -12.26 6.18 -13.89
C GLU B 277 -11.81 4.89 -13.23
N LYS B 278 -11.75 3.80 -13.99
CA LYS B 278 -11.39 2.52 -13.40
C LYS B 278 -9.99 2.57 -12.80
N PHE B 279 -9.04 3.18 -13.51
CA PHE B 279 -7.68 3.26 -13.00
C PHE B 279 -7.60 4.12 -11.75
N GLN B 280 -8.28 5.26 -11.74
CA GLN B 280 -8.23 6.13 -10.56
C GLN B 280 -8.79 5.42 -9.34
N GLN B 281 -9.88 4.68 -9.52
CA GLN B 281 -10.50 4.01 -8.37
C GLN B 281 -9.67 2.84 -7.89
N ALA B 282 -9.15 2.03 -8.81
CA ALA B 282 -8.42 0.82 -8.42
C ALA B 282 -7.10 1.17 -7.74
N PHE B 283 -6.41 2.18 -8.23
CA PHE B 283 -5.06 2.48 -7.76
C PHE B 283 -4.97 3.71 -6.88
N GLY B 284 -6.08 4.41 -6.64
CA GLY B 284 -6.06 5.52 -5.70
C GLY B 284 -5.17 6.65 -6.16
N VAL B 285 -5.29 7.02 -7.43
CA VAL B 285 -4.48 8.07 -8.02
C VAL B 285 -5.41 9.11 -8.63
N THR B 286 -4.88 10.33 -8.72
CA THR B 286 -5.51 11.42 -9.44
C THR B 286 -4.87 11.51 -10.82
N LEU B 287 -5.69 11.63 -11.86
CA LEU B 287 -5.10 11.80 -13.18
C LEU B 287 -5.39 13.21 -13.66
N PRO B 288 -4.40 14.10 -13.70
CA PRO B 288 -4.68 15.50 -13.99
C PRO B 288 -5.19 15.71 -15.41
N ASP B 289 -5.82 16.87 -15.61
CA ASP B 289 -6.15 17.32 -16.95
C ASP B 289 -4.92 17.27 -17.85
N TRP B 290 -5.16 16.95 -19.13
CA TRP B 290 -4.08 16.73 -20.09
C TRP B 290 -3.19 17.95 -20.26
N ARG B 291 -3.72 19.15 -20.01
CA ARG B 291 -2.89 20.34 -20.22
C ARG B 291 -1.65 20.35 -19.35
N GLN B 292 -1.72 19.80 -18.15
CA GLN B 292 -0.60 19.95 -17.22
C GLN B 292 0.66 19.29 -17.75
N GLY B 293 0.54 18.05 -18.21
CA GLY B 293 1.70 17.35 -18.74
C GLY B 293 2.24 17.99 -20.00
N VAL B 294 1.35 18.54 -20.83
CA VAL B 294 1.80 19.16 -22.08
C VAL B 294 2.55 20.45 -21.80
N ALA B 295 2.04 21.26 -20.88
CA ALA B 295 2.72 22.51 -20.57
C ALA B 295 4.11 22.23 -20.01
N ARG B 296 4.23 21.17 -19.23
CA ARG B 296 5.53 20.80 -18.67
C ARG B 296 6.52 20.41 -19.78
N VAL B 297 6.09 19.57 -20.72
CA VAL B 297 6.97 19.14 -21.80
C VAL B 297 7.35 20.32 -22.68
N VAL B 298 6.39 21.19 -23.01
CA VAL B 298 6.72 22.37 -23.80
C VAL B 298 7.77 23.21 -23.08
N THR B 299 7.61 23.37 -21.77
CA THR B 299 8.57 24.14 -21.00
C THR B 299 9.95 23.51 -21.06
N GLU B 300 10.05 22.18 -20.87
CA GLU B 300 11.35 21.52 -20.91
C GLU B 300 11.98 21.57 -22.29
N VAL B 301 11.18 21.38 -23.34
CA VAL B 301 11.73 21.41 -24.70
C VAL B 301 12.32 22.78 -24.99
N LEU B 302 11.72 23.83 -24.44
CA LEU B 302 12.24 25.18 -24.64
C LEU B 302 13.41 25.50 -23.70
N GLY B 303 13.81 24.59 -22.83
CA GLY B 303 14.88 24.88 -21.90
C GLY B 303 14.50 25.88 -20.83
N LYS B 304 13.21 25.98 -20.51
CA LYS B 304 12.72 26.95 -19.54
C LYS B 304 12.30 26.28 -18.24
N HIS C 7 14.98 -15.96 1.74
CA HIS C 7 13.74 -16.16 2.48
C HIS C 7 12.96 -17.35 1.90
N HIS C 8 12.33 -18.12 2.78
CA HIS C 8 11.71 -19.38 2.37
C HIS C 8 10.48 -19.15 1.50
N MET C 9 10.33 -20.01 0.48
CA MET C 9 9.09 -20.06 -0.26
C MET C 9 7.93 -20.46 0.64
N LYS C 10 6.74 -20.01 0.28
CA LYS C 10 5.52 -20.36 0.99
C LYS C 10 4.77 -21.40 0.17
N ILE C 11 4.46 -22.55 0.77
CA ILE C 11 3.79 -23.65 0.09
C ILE C 11 2.45 -23.86 0.78
N LEU C 12 1.38 -23.82 0.00
CA LEU C 12 0.05 -24.09 0.53
C LEU C 12 -0.38 -25.49 0.10
N LEU C 13 -0.66 -26.36 1.09
CA LEU C 13 -1.08 -27.73 0.84
C LEU C 13 -2.53 -27.87 1.23
N ILE C 14 -3.38 -28.27 0.27
CA ILE C 14 -4.81 -28.52 0.47
CA ILE C 14 -4.79 -28.51 0.53
C ILE C 14 -5.03 -30.02 0.51
N GLY C 15 -5.90 -30.49 1.41
CA GLY C 15 -6.13 -31.92 1.51
C GLY C 15 -5.09 -32.65 2.32
N LYS C 16 -4.59 -32.03 3.39
CA LYS C 16 -3.38 -32.53 4.03
C LYS C 16 -3.57 -33.90 4.68
N ASN C 17 -4.81 -34.31 4.95
CA ASN C 17 -5.07 -35.52 5.72
C ASN C 17 -5.29 -36.75 4.86
N GLY C 18 -5.30 -36.61 3.53
CA GLY C 18 -5.50 -37.74 2.65
C GLY C 18 -4.28 -38.62 2.55
N GLN C 19 -4.40 -39.69 1.77
CA GLN C 19 -3.25 -40.58 1.57
C GLN C 19 -2.06 -39.82 1.03
N VAL C 20 -2.26 -39.09 -0.06
CA VAL C 20 -1.15 -38.35 -0.65
C VAL C 20 -0.84 -37.10 0.16
N GLY C 21 -1.89 -36.41 0.66
CA GLY C 21 -1.65 -35.24 1.48
C GLY C 21 -0.74 -35.50 2.66
N TRP C 22 -0.94 -36.63 3.34
CA TRP C 22 -0.12 -36.91 4.52
C TRP C 22 1.35 -37.08 4.15
N GLU C 23 1.63 -37.79 3.06
CA GLU C 23 3.02 -37.93 2.64
C GLU C 23 3.57 -36.60 2.12
N LEU C 24 2.73 -35.76 1.51
CA LEU C 24 3.17 -34.44 1.10
C LEU C 24 3.54 -33.55 2.28
N GLN C 25 2.88 -33.70 3.43
CA GLN C 25 3.29 -32.95 4.61
C GLN C 25 4.75 -33.21 4.92
N ARG C 26 5.21 -34.43 4.64
CA ARG C 26 6.61 -34.79 4.79
C ARG C 26 7.45 -34.26 3.63
N SER C 27 7.06 -34.59 2.40
CA SER C 27 7.96 -34.34 1.27
C SER C 27 8.09 -32.84 0.97
N LEU C 28 7.04 -32.06 1.24
CA LEU C 28 7.09 -30.63 0.94
C LEU C 28 7.79 -29.85 2.03
N SER C 29 8.06 -30.46 3.19
CA SER C 29 8.56 -29.70 4.33
C SER C 29 9.94 -29.10 4.12
N THR C 30 10.74 -29.64 3.20
CA THR C 30 12.06 -29.08 2.93
C THR C 30 12.08 -28.10 1.78
N LEU C 31 10.94 -27.89 1.10
CA LEU C 31 10.92 -26.96 -0.01
C LEU C 31 10.66 -25.52 0.42
N GLY C 32 10.07 -25.32 1.60
CA GLY C 32 9.77 -23.99 2.08
C GLY C 32 8.93 -24.10 3.34
N ASP C 33 8.30 -22.98 3.70
CA ASP C 33 7.35 -22.95 4.81
C ASP C 33 5.99 -23.46 4.32
N VAL C 34 5.53 -24.56 4.89
CA VAL C 34 4.30 -25.21 4.46
C VAL C 34 3.16 -24.76 5.37
N VAL C 35 2.08 -24.31 4.75
CA VAL C 35 0.79 -24.11 5.42
C VAL C 35 -0.12 -25.21 4.89
N ALA C 36 -0.52 -26.12 5.77
CA ALA C 36 -1.30 -27.28 5.38
C ALA C 36 -2.70 -27.18 5.94
N VAL C 37 -3.71 -27.39 5.09
CA VAL C 37 -5.10 -27.28 5.51
C VAL C 37 -5.88 -28.51 5.02
N ASP C 38 -7.01 -28.75 5.67
CA ASP C 38 -8.01 -29.69 5.18
C ASP C 38 -9.36 -29.16 5.63
N TYR C 39 -10.43 -29.87 5.29
CA TYR C 39 -11.75 -29.25 5.38
C TYR C 39 -12.14 -28.90 6.81
N PHE C 40 -11.52 -29.54 7.81
CA PHE C 40 -11.85 -29.28 9.20
C PHE C 40 -11.09 -28.08 9.79
N ASP C 41 -10.19 -27.46 9.03
CA ASP C 41 -9.38 -26.37 9.58
C ASP C 41 -10.25 -25.19 10.01
N LYS C 42 -9.91 -24.61 11.17
CA LYS C 42 -10.73 -23.59 11.79
C LYS C 42 -10.20 -22.18 11.59
N GLU C 43 -8.89 -22.00 11.45
CA GLU C 43 -8.33 -20.66 11.26
C GLU C 43 -8.36 -20.26 9.79
N LEU C 44 -7.86 -21.12 8.92
CA LEU C 44 -7.99 -20.96 7.48
C LEU C 44 -9.05 -21.92 6.96
N CYS C 45 -9.79 -21.49 5.95
CA CYS C 45 -10.74 -22.39 5.31
C CYS C 45 -9.96 -23.41 4.48
N GLY C 46 -10.18 -24.70 4.77
CA GLY C 46 -9.59 -25.76 3.97
C GLY C 46 -10.60 -26.54 3.17
N ASP C 47 -11.85 -26.08 3.10
CA ASP C 47 -12.93 -26.78 2.43
C ASP C 47 -12.96 -26.32 0.99
N LEU C 48 -12.41 -27.16 0.10
CA LEU C 48 -12.34 -26.84 -1.32
C LEU C 48 -13.72 -26.62 -1.94
N THR C 49 -14.80 -27.09 -1.30
CA THR C 49 -16.14 -26.85 -1.83
C THR C 49 -16.72 -25.50 -1.41
N ASN C 50 -16.07 -24.79 -0.49
CA ASN C 50 -16.45 -23.43 -0.12
C ASN C 50 -15.62 -22.52 -1.02
N LEU C 51 -16.20 -22.12 -2.15
CA LEU C 51 -15.38 -21.47 -3.18
C LEU C 51 -14.87 -20.11 -2.71
N ASP C 52 -15.68 -19.37 -1.96
CA ASP C 52 -15.20 -18.10 -1.41
C ASP C 52 -14.16 -18.33 -0.32
N GLY C 53 -14.40 -19.31 0.55
CA GLY C 53 -13.46 -19.56 1.64
C GLY C 53 -12.11 -20.02 1.14
N ILE C 54 -12.08 -20.98 0.22
CA ILE C 54 -10.80 -21.46 -0.26
C ILE C 54 -10.06 -20.36 -1.01
N ALA C 55 -10.79 -19.48 -1.72
CA ALA C 55 -10.14 -18.36 -2.39
C ALA C 55 -9.50 -17.43 -1.38
N GLN C 56 -10.21 -17.15 -0.28
CA GLN C 56 -9.65 -16.30 0.76
C GLN C 56 -8.41 -16.92 1.39
N THR C 57 -8.37 -18.26 1.49
CA THR C 57 -7.20 -18.90 2.05
C THR C 57 -5.97 -18.66 1.16
N VAL C 58 -6.15 -18.80 -0.15
CA VAL C 58 -5.02 -18.54 -1.05
C VAL C 58 -4.57 -17.09 -0.93
N ARG C 59 -5.53 -16.16 -0.87
CA ARG C 59 -5.19 -14.74 -0.79
C ARG C 59 -4.50 -14.39 0.53
N THR C 60 -4.90 -15.05 1.63
CA THR C 60 -4.27 -14.78 2.91
C THR C 60 -2.86 -15.37 2.96
N VAL C 61 -2.71 -16.62 2.52
CA VAL C 61 -1.43 -17.31 2.65
C VAL C 61 -0.42 -16.77 1.63
N ARG C 62 -0.89 -16.31 0.48
CA ARG C 62 -0.02 -15.83 -0.59
C ARG C 62 1.10 -16.82 -0.92
N PRO C 63 0.75 -18.05 -1.27
CA PRO C 63 1.75 -19.07 -1.55
C PRO C 63 2.53 -18.79 -2.83
N ASP C 64 3.74 -19.34 -2.87
CA ASP C 64 4.54 -19.46 -4.08
C ASP C 64 4.23 -20.76 -4.81
N VAL C 65 3.77 -21.78 -4.10
CA VAL C 65 3.40 -23.07 -4.65
C VAL C 65 2.12 -23.52 -3.97
N VAL C 66 1.15 -23.97 -4.74
CA VAL C 66 -0.10 -24.54 -4.22
C VAL C 66 -0.12 -26.00 -4.62
N VAL C 67 -0.30 -26.89 -3.65
CA VAL C 67 -0.40 -28.31 -3.97
C VAL C 67 -1.77 -28.78 -3.52
N ASN C 68 -2.59 -29.20 -4.49
CA ASN C 68 -3.96 -29.64 -4.18
C ASN C 68 -4.01 -31.15 -4.11
N ALA C 69 -4.09 -31.69 -2.89
CA ALA C 69 -4.25 -33.12 -2.68
C ALA C 69 -5.66 -33.47 -2.16
N ALA C 70 -6.63 -32.58 -2.35
CA ALA C 70 -8.02 -32.81 -1.98
C ALA C 70 -8.83 -33.16 -3.21
N ALA C 71 -9.81 -34.02 -3.04
CA ALA C 71 -10.70 -34.36 -4.14
C ALA C 71 -11.79 -35.27 -3.64
N HIS C 72 -12.86 -35.39 -4.43
CA HIS C 72 -13.84 -36.45 -4.24
CA HIS C 72 -13.82 -36.46 -4.22
C HIS C 72 -13.25 -37.75 -4.78
N THR C 73 -13.08 -38.76 -3.93
CA THR C 73 -12.43 -39.98 -4.36
C THR C 73 -13.34 -41.21 -4.24
N ALA C 74 -14.64 -41.03 -4.04
CA ALA C 74 -15.59 -42.14 -3.92
C ALA C 74 -16.27 -42.32 -5.27
N VAL C 75 -15.71 -43.21 -6.10
CA VAL C 75 -16.07 -43.25 -7.51
C VAL C 75 -17.52 -43.67 -7.72
N ASP C 76 -17.95 -44.75 -7.04
CA ASP C 76 -19.32 -45.20 -7.18
C ASP C 76 -20.30 -44.21 -6.57
N LYS C 77 -19.96 -43.65 -5.41
CA LYS C 77 -20.84 -42.64 -4.80
C LYS C 77 -20.96 -41.40 -5.69
N ALA C 78 -19.95 -41.12 -6.50
CA ALA C 78 -19.97 -39.94 -7.37
C ALA C 78 -21.13 -39.97 -8.35
N GLU C 79 -21.53 -41.15 -8.81
CA GLU C 79 -22.62 -41.27 -9.77
C GLU C 79 -23.94 -40.75 -9.23
N SER C 80 -24.05 -40.55 -7.91
CA SER C 80 -25.23 -39.95 -7.31
C SER C 80 -24.87 -38.73 -6.47
N GLU C 81 -23.69 -38.17 -6.68
CA GLU C 81 -23.26 -36.94 -6.03
C GLU C 81 -22.61 -36.04 -7.06
N ARG C 82 -23.31 -35.83 -8.17
CA ARG C 82 -22.75 -35.05 -9.28
C ARG C 82 -22.34 -33.66 -8.83
N GLU C 83 -23.16 -33.03 -7.98
CA GLU C 83 -22.87 -31.65 -7.56
C GLU C 83 -21.60 -31.58 -6.73
N LEU C 84 -21.39 -32.54 -5.83
CA LEU C 84 -20.21 -32.52 -4.98
C LEU C 84 -18.95 -32.85 -5.77
N SER C 85 -19.05 -33.76 -6.74
CA SER C 85 -17.92 -34.05 -7.62
C SER C 85 -17.57 -32.84 -8.47
N ASP C 86 -18.57 -32.15 -9.01
CA ASP C 86 -18.33 -30.91 -9.74
C ASP C 86 -17.58 -29.89 -8.87
N LEU C 87 -18.01 -29.73 -7.62
CA LEU C 87 -17.35 -28.76 -6.74
C LEU C 87 -15.92 -29.18 -6.42
N LEU C 88 -15.73 -30.44 -6.01
CA LEU C 88 -14.43 -30.85 -5.50
C LEU C 88 -13.41 -31.03 -6.60
N ASN C 89 -13.83 -31.55 -7.76
CA ASN C 89 -12.89 -31.92 -8.81
C ASN C 89 -12.80 -30.89 -9.93
N ASP C 90 -13.71 -29.93 -9.99
CA ASP C 90 -13.79 -28.99 -11.11
C ASP C 90 -13.86 -27.55 -10.62
N LYS C 91 -14.99 -27.13 -10.05
CA LYS C 91 -15.16 -25.72 -9.68
C LYS C 91 -14.13 -25.27 -8.65
N GLY C 92 -13.88 -26.09 -7.63
CA GLY C 92 -12.88 -25.71 -6.64
C GLY C 92 -11.49 -25.64 -7.24
N VAL C 93 -11.19 -26.53 -8.19
CA VAL C 93 -9.90 -26.52 -8.86
C VAL C 93 -9.77 -25.25 -9.69
N ALA C 94 -10.86 -24.83 -10.35
CA ALA C 94 -10.83 -23.59 -11.12
C ALA C 94 -10.54 -22.38 -10.21
N VAL C 95 -11.10 -22.37 -9.00
CA VAL C 95 -10.85 -21.28 -8.07
C VAL C 95 -9.38 -21.26 -7.65
N LEU C 96 -8.84 -22.44 -7.29
CA LEU C 96 -7.41 -22.53 -6.98
C LEU C 96 -6.55 -22.09 -8.15
N ALA C 97 -6.89 -22.53 -9.37
CA ALA C 97 -6.15 -22.12 -10.55
C ALA C 97 -6.14 -20.59 -10.70
N ALA C 98 -7.30 -19.97 -10.55
CA ALA C 98 -7.39 -18.52 -10.77
C ALA C 98 -6.66 -17.77 -9.66
N GLU C 99 -6.81 -18.22 -8.41
CA GLU C 99 -6.19 -17.50 -7.31
C GLU C 99 -4.68 -17.69 -7.31
N SER C 100 -4.20 -18.90 -7.62
CA SER C 100 -2.77 -19.10 -7.73
C SER C 100 -2.19 -18.33 -8.90
N ALA C 101 -2.93 -18.24 -10.01
CA ALA C 101 -2.38 -17.54 -11.17
C ALA C 101 -2.20 -16.06 -10.89
N LYS C 102 -3.12 -15.46 -10.13
CA LYS C 102 -3.01 -14.04 -9.79
C LYS C 102 -1.73 -13.74 -9.02
N LEU C 103 -1.28 -14.70 -8.21
CA LEU C 103 -0.06 -14.60 -7.41
C LEU C 103 1.19 -15.02 -8.17
N GLY C 104 1.05 -15.60 -9.35
CA GLY C 104 2.21 -16.18 -10.03
C GLY C 104 2.69 -17.47 -9.40
N ALA C 105 1.83 -18.15 -8.64
CA ALA C 105 2.22 -19.37 -7.95
C ALA C 105 2.17 -20.57 -8.89
N LEU C 106 3.07 -21.52 -8.67
CA LEU C 106 3.03 -22.80 -9.36
C LEU C 106 1.97 -23.66 -8.67
N MET C 107 1.06 -24.23 -9.45
CA MET C 107 0.01 -25.06 -8.86
C MET C 107 0.15 -26.51 -9.30
N VAL C 108 0.15 -27.42 -8.32
CA VAL C 108 0.21 -28.87 -8.53
C VAL C 108 -1.16 -29.45 -8.25
N HIS C 109 -1.61 -30.34 -9.14
CA HIS C 109 -2.92 -30.96 -9.03
C HIS C 109 -2.80 -32.40 -9.49
N TYR C 110 -3.58 -33.28 -8.88
CA TYR C 110 -3.58 -34.70 -9.21
C TYR C 110 -4.83 -35.07 -9.98
N SER C 111 -4.68 -35.97 -10.94
CA SER C 111 -5.80 -36.47 -11.71
C SER C 111 -5.67 -37.98 -11.81
N THR C 112 -6.33 -38.59 -12.81
CA THR C 112 -6.66 -40.00 -12.73
C THR C 112 -6.62 -40.68 -14.09
N ASP C 113 -6.31 -41.98 -14.07
CA ASP C 113 -6.46 -42.79 -15.28
C ASP C 113 -7.91 -42.83 -15.73
N TYR C 114 -8.84 -42.49 -14.85
CA TYR C 114 -10.25 -42.57 -15.22
C TYR C 114 -10.68 -41.47 -16.18
N VAL C 115 -9.78 -40.55 -16.58
CA VAL C 115 -10.15 -39.62 -17.65
C VAL C 115 -10.18 -40.29 -19.01
N PHE C 116 -9.65 -41.51 -19.12
CA PHE C 116 -9.59 -42.21 -20.39
C PHE C 116 -10.69 -43.27 -20.50
N ASP C 117 -10.91 -43.74 -21.73
CA ASP C 117 -12.01 -44.66 -22.00
C ASP C 117 -11.68 -46.12 -21.69
N GLY C 118 -10.45 -46.43 -21.29
CA GLY C 118 -10.10 -47.79 -20.92
C GLY C 118 -9.90 -48.73 -22.08
N ALA C 119 -9.92 -48.24 -23.32
CA ALA C 119 -9.72 -49.11 -24.45
C ALA C 119 -8.25 -49.47 -24.61
N GLY C 120 -8.01 -50.53 -25.38
CA GLY C 120 -6.67 -50.93 -25.73
C GLY C 120 -5.99 -51.72 -24.63
N SER C 121 -4.72 -52.04 -24.88
CA SER C 121 -3.89 -52.68 -23.88
C SER C 121 -2.54 -51.98 -23.75
N HIS C 122 -2.41 -50.79 -24.30
CA HIS C 122 -1.15 -50.06 -24.28
C HIS C 122 -1.09 -49.09 -23.11
N TYR C 123 0.12 -48.67 -22.78
CA TYR C 123 0.36 -47.63 -21.78
C TYR C 123 0.05 -46.27 -22.39
N ARG C 124 -0.99 -45.61 -21.89
CA ARG C 124 -1.46 -44.38 -22.52
C ARG C 124 -0.49 -43.23 -22.30
N ARG C 125 -0.30 -42.42 -23.34
CA ARG C 125 0.54 -41.25 -23.27
C ARG C 125 -0.29 -40.02 -22.97
N GLU C 126 0.40 -38.96 -22.54
CA GLU C 126 -0.28 -37.80 -21.96
C GLU C 126 -1.17 -37.09 -22.97
N ASP C 127 -0.77 -37.07 -24.24
CA ASP C 127 -1.50 -36.34 -25.26
C ASP C 127 -2.65 -37.12 -25.87
N GLU C 128 -2.83 -38.40 -25.52
CA GLU C 128 -3.92 -39.15 -26.11
C GLU C 128 -5.27 -38.58 -25.67
N ALA C 129 -6.26 -38.76 -26.53
CA ALA C 129 -7.57 -38.17 -26.30
C ALA C 129 -8.25 -38.78 -25.07
N THR C 130 -8.86 -37.93 -24.26
CA THR C 130 -9.60 -38.41 -23.11
C THR C 130 -11.03 -38.77 -23.51
N GLY C 131 -11.72 -39.46 -22.60
CA GLY C 131 -13.07 -39.92 -22.84
C GLY C 131 -13.62 -40.71 -21.67
N PRO C 132 -13.87 -40.01 -20.55
CA PRO C 132 -14.20 -40.70 -19.29
C PRO C 132 -15.49 -41.48 -19.39
N LEU C 133 -15.55 -42.59 -18.66
CA LEU C 133 -16.72 -43.46 -18.66
C LEU C 133 -17.64 -43.22 -17.47
N ASN C 134 -17.27 -42.34 -16.54
CA ASN C 134 -18.00 -42.18 -15.29
C ASN C 134 -17.89 -40.74 -14.80
N VAL C 135 -18.71 -40.40 -13.80
CA VAL C 135 -18.81 -39.02 -13.32
C VAL C 135 -17.49 -38.56 -12.70
N TYR C 136 -16.89 -39.40 -11.86
CA TYR C 136 -15.57 -39.07 -11.32
C TYR C 136 -14.62 -38.67 -12.44
N GLY C 137 -14.54 -39.48 -13.50
CA GLY C 137 -13.62 -39.17 -14.58
C GLY C 137 -13.96 -37.89 -15.33
N GLU C 138 -15.25 -37.66 -15.62
CA GLU C 138 -15.66 -36.44 -16.32
CA GLU C 138 -15.58 -36.44 -16.35
C GLU C 138 -15.33 -35.20 -15.51
N THR C 139 -15.64 -35.24 -14.20
CA THR C 139 -15.36 -34.07 -13.38
C THR C 139 -13.85 -33.88 -13.16
N LYS C 140 -13.09 -34.97 -13.05
CA LYS C 140 -11.64 -34.84 -12.93
C LYS C 140 -11.05 -34.22 -14.20
N ARG C 141 -11.52 -34.65 -15.38
CA ARG C 141 -11.00 -34.07 -16.62
C ARG C 141 -11.43 -32.61 -16.77
N ALA C 142 -12.65 -32.28 -16.33
CA ALA C 142 -13.07 -30.88 -16.37
C ALA C 142 -12.17 -30.01 -15.53
N GLY C 143 -11.74 -30.52 -14.37
CA GLY C 143 -10.84 -29.76 -13.53
C GLY C 143 -9.46 -29.63 -14.15
N GLU C 144 -8.98 -30.69 -14.82
CA GLU C 144 -7.74 -30.58 -15.57
C GLU C 144 -7.79 -29.40 -16.51
N LEU C 145 -8.86 -29.32 -17.30
CA LEU C 145 -8.99 -28.23 -18.26
C LEU C 145 -9.15 -26.88 -17.57
N ALA C 146 -9.82 -26.85 -16.41
CA ALA C 146 -9.94 -25.58 -15.70
C ALA C 146 -8.57 -25.07 -15.28
N LEU C 147 -7.73 -25.98 -14.81
CA LEU C 147 -6.39 -25.59 -14.39
C LEU C 147 -5.54 -25.18 -15.60
N GLU C 148 -5.58 -25.97 -16.68
CA GLU C 148 -4.81 -25.60 -17.88
C GLU C 148 -5.13 -24.19 -18.33
N GLN C 149 -6.41 -23.82 -18.31
CA GLN C 149 -6.83 -22.52 -18.81
C GLN C 149 -6.67 -21.43 -17.76
N GLY C 150 -6.64 -21.81 -16.49
CA GLY C 150 -6.62 -20.83 -15.43
C GLY C 150 -5.24 -20.45 -14.96
N ASN C 151 -4.29 -21.38 -15.01
CA ASN C 151 -2.93 -21.11 -14.54
C ASN C 151 -1.94 -21.88 -15.40
N PRO C 152 -1.29 -21.20 -16.35
CA PRO C 152 -0.27 -21.89 -17.18
C PRO C 152 0.85 -22.49 -16.37
N ARG C 153 1.12 -21.94 -15.19
CA ARG C 153 2.23 -22.39 -14.37
CA ARG C 153 2.23 -22.39 -14.36
C ARG C 153 1.72 -23.52 -13.47
N HIS C 154 1.64 -24.71 -14.05
CA HIS C 154 1.01 -25.82 -13.34
C HIS C 154 1.73 -27.13 -13.60
N LEU C 155 1.50 -28.07 -12.68
CA LEU C 155 1.85 -29.48 -12.89
C LEU C 155 0.61 -30.30 -12.59
N ILE C 156 0.15 -31.06 -13.58
CA ILE C 156 -0.96 -32.01 -13.42
C ILE C 156 -0.36 -33.41 -13.47
N PHE C 157 -0.56 -34.19 -12.42
CA PHE C 157 -0.05 -35.56 -12.33
C PHE C 157 -1.24 -36.52 -12.32
N ARG C 158 -1.46 -37.21 -13.45
CA ARG C 158 -2.45 -38.29 -13.46
C ARG C 158 -1.84 -39.52 -12.79
N THR C 159 -2.60 -40.14 -11.91
CA THR C 159 -2.08 -41.32 -11.23
C THR C 159 -3.21 -42.31 -11.07
N SER C 160 -2.93 -43.44 -10.41
CA SER C 160 -3.88 -44.53 -10.41
C SER C 160 -3.71 -45.37 -9.15
N TRP C 161 -4.85 -45.88 -8.67
CA TRP C 161 -4.86 -46.99 -7.71
C TRP C 161 -3.98 -46.68 -6.51
N VAL C 162 -4.24 -45.55 -5.86
CA VAL C 162 -3.31 -45.01 -4.86
C VAL C 162 -3.51 -45.74 -3.53
N TYR C 163 -2.41 -46.08 -2.87
CA TYR C 163 -2.45 -46.73 -1.56
C TYR C 163 -1.39 -46.08 -0.67
N ALA C 164 -1.47 -46.37 0.63
CA ALA C 164 -0.54 -45.82 1.63
C ALA C 164 -0.68 -46.62 2.91
N THR C 165 0.29 -46.47 3.80
CA THR C 165 0.16 -47.10 5.12
C THR C 165 -0.96 -46.45 5.92
N ARG C 166 -1.14 -45.15 5.77
CA ARG C 166 -2.15 -44.37 6.48
C ARG C 166 -3.27 -44.02 5.51
N GLY C 167 -4.50 -44.38 5.86
CA GLY C 167 -5.66 -44.16 5.03
C GLY C 167 -6.30 -45.45 4.57
N ALA C 168 -7.34 -45.30 3.76
CA ALA C 168 -8.08 -46.44 3.24
C ALA C 168 -7.69 -46.69 1.79
N ASN C 169 -7.56 -47.97 1.42
CA ASN C 169 -7.14 -48.31 0.06
C ASN C 169 -7.32 -49.81 -0.16
N PHE C 170 -7.13 -50.23 -1.41
CA PHE C 170 -7.38 -51.62 -1.79
C PHE C 170 -6.46 -52.58 -1.04
N ALA C 171 -5.18 -52.22 -0.90
CA ALA C 171 -4.21 -53.10 -0.26
C ALA C 171 -4.62 -53.39 1.19
N LYS C 172 -4.95 -52.34 1.95
CA LYS C 172 -5.34 -52.55 3.35
C LYS C 172 -6.70 -53.23 3.46
N THR C 173 -7.61 -52.94 2.54
CA THR C 173 -8.92 -53.62 2.56
C THR C 173 -8.76 -55.11 2.27
N MET C 174 -7.96 -55.46 1.26
CA MET C 174 -7.72 -56.87 0.96
C MET C 174 -7.06 -57.58 2.12
N LEU C 175 -6.06 -56.92 2.73
CA LEU C 175 -5.37 -57.51 3.86
C LEU C 175 -6.36 -57.81 5.00
N ARG C 176 -7.26 -56.88 5.27
CA ARG C 176 -8.27 -57.11 6.31
C ARG C 176 -9.23 -58.23 5.90
N LEU C 177 -9.76 -58.18 4.68
CA LEU C 177 -10.68 -59.23 4.25
C LEU C 177 -10.02 -60.59 4.26
N ALA C 178 -8.72 -60.67 3.97
CA ALA C 178 -8.05 -61.96 3.92
C ALA C 178 -7.89 -62.58 5.30
N GLY C 179 -8.04 -61.79 6.36
CA GLY C 179 -8.02 -62.34 7.69
C GLY C 179 -9.32 -62.99 8.10
N GLU C 180 -10.41 -62.65 7.40
CA GLU C 180 -11.76 -63.10 7.73
C GLU C 180 -12.32 -64.14 6.78
N LYS C 181 -12.10 -63.98 5.47
CA LYS C 181 -12.79 -64.77 4.45
C LYS C 181 -11.90 -65.88 3.94
N GLU C 182 -12.51 -67.05 3.67
CA GLU C 182 -11.75 -68.18 3.12
C GLU C 182 -11.60 -68.09 1.61
N THR C 183 -12.47 -67.36 0.93
CA THR C 183 -12.39 -67.21 -0.51
C THR C 183 -12.69 -65.76 -0.88
N LEU C 184 -11.99 -65.27 -1.90
CA LEU C 184 -12.21 -63.93 -2.43
C LEU C 184 -12.31 -64.01 -3.94
N SER C 185 -13.27 -63.28 -4.51
CA SER C 185 -13.40 -63.14 -5.96
C SER C 185 -13.07 -61.70 -6.30
N ILE C 186 -12.08 -61.51 -7.16
CA ILE C 186 -11.51 -60.18 -7.42
C ILE C 186 -11.41 -59.95 -8.92
N ILE C 187 -11.72 -58.73 -9.35
CA ILE C 187 -11.69 -58.42 -10.78
C ILE C 187 -10.31 -58.66 -11.34
N ASP C 188 -10.24 -59.35 -12.47
CA ASP C 188 -8.95 -59.69 -13.06
C ASP C 188 -8.75 -59.11 -14.45
N ASP C 189 -9.64 -58.22 -14.90
CA ASP C 189 -9.50 -57.67 -16.25
C ASP C 189 -9.40 -56.15 -16.27
N GLN C 190 -9.26 -55.50 -15.13
CA GLN C 190 -8.84 -54.11 -15.06
C GLN C 190 -7.37 -54.11 -14.71
N HIS C 191 -6.57 -53.41 -15.51
CA HIS C 191 -5.11 -53.46 -15.41
C HIS C 191 -4.58 -52.07 -15.19
N GLY C 192 -3.71 -51.92 -14.19
CA GLY C 192 -3.11 -50.63 -13.91
C GLY C 192 -1.94 -50.82 -12.98
N ALA C 193 -1.34 -49.70 -12.59
CA ALA C 193 -0.20 -49.67 -11.67
C ALA C 193 -0.60 -49.14 -10.31
N PRO C 194 -0.66 -49.97 -9.26
CA PRO C 194 -0.77 -49.43 -7.91
C PRO C 194 0.36 -48.46 -7.66
N THR C 195 0.00 -47.24 -7.22
CA THR C 195 0.99 -46.18 -7.02
C THR C 195 0.91 -45.67 -5.58
N GLY C 196 2.05 -45.68 -4.89
CA GLY C 196 2.05 -45.35 -3.49
C GLY C 196 2.02 -43.85 -3.25
N ALA C 197 1.33 -43.47 -2.16
CA ALA C 197 1.40 -42.09 -1.73
C ALA C 197 2.83 -41.63 -1.52
N GLU C 198 3.71 -42.53 -1.05
CA GLU C 198 5.12 -42.15 -0.91
C GLU C 198 5.71 -41.70 -2.24
N LEU C 199 5.54 -42.53 -3.29
CA LEU C 199 6.09 -42.17 -4.60
C LEU C 199 5.50 -40.87 -5.11
N LEU C 200 4.18 -40.71 -4.96
CA LEU C 200 3.56 -39.48 -5.43
C LEU C 200 4.10 -38.26 -4.71
N ALA C 201 4.26 -38.36 -3.38
CA ALA C 201 4.72 -37.19 -2.63
C ALA C 201 6.18 -36.88 -2.93
N ASP C 202 7.04 -37.91 -3.01
CA ASP C 202 8.46 -37.67 -3.28
C ASP C 202 8.68 -37.14 -4.69
N CYS C 203 8.01 -37.73 -5.67
CA CYS C 203 8.18 -37.26 -7.04
C CYS C 203 7.56 -35.89 -7.23
N THR C 204 6.51 -35.57 -6.46
CA THR C 204 5.98 -34.21 -6.53
C THR C 204 7.01 -33.21 -6.04
N ALA C 205 7.66 -33.50 -4.91
CA ALA C 205 8.67 -32.57 -4.40
C ALA C 205 9.81 -32.41 -5.39
N THR C 206 10.27 -33.50 -5.99
CA THR C 206 11.32 -33.42 -7.00
C THR C 206 10.86 -32.58 -8.18
N ALA C 207 9.65 -32.83 -8.67
CA ALA C 207 9.16 -32.09 -9.83
C ALA C 207 8.99 -30.60 -9.54
N ILE C 208 8.52 -30.26 -8.33
CA ILE C 208 8.41 -28.84 -7.98
C ILE C 208 9.79 -28.18 -8.04
N ARG C 209 10.77 -28.78 -7.38
CA ARG C 209 12.11 -28.21 -7.41
CA ARG C 209 12.12 -28.22 -7.41
C ARG C 209 12.61 -28.07 -8.84
N GLU C 210 12.41 -29.09 -9.68
CA GLU C 210 12.96 -29.03 -11.03
C GLU C 210 12.20 -28.04 -11.90
N THR C 211 10.89 -27.86 -11.65
CA THR C 211 10.10 -26.95 -12.47
C THR C 211 10.35 -25.49 -12.07
N LEU C 212 10.55 -25.22 -10.78
CA LEU C 212 11.01 -23.90 -10.39
C LEU C 212 12.33 -23.56 -11.07
N ARG C 213 13.23 -24.54 -11.17
CA ARG C 213 14.50 -24.31 -11.88
CA ARG C 213 14.49 -24.32 -11.88
C ARG C 213 14.29 -24.17 -13.38
N ASP C 214 13.47 -25.04 -13.98
CA ASP C 214 13.21 -25.03 -15.42
C ASP C 214 11.71 -24.92 -15.63
N PRO C 215 11.18 -23.69 -15.72
CA PRO C 215 9.72 -23.51 -15.83
C PRO C 215 9.12 -24.14 -17.06
N ALA C 216 9.91 -24.47 -18.08
CA ALA C 216 9.32 -25.11 -19.26
C ALA C 216 8.82 -26.50 -18.96
N LEU C 217 9.16 -27.07 -17.80
CA LEU C 217 8.67 -28.40 -17.45
C LEU C 217 7.24 -28.42 -16.96
N ALA C 218 6.59 -27.26 -16.85
CA ALA C 218 5.16 -27.23 -16.50
C ALA C 218 4.36 -28.03 -17.52
N GLY C 219 3.31 -28.68 -17.05
CA GLY C 219 2.42 -29.38 -17.95
C GLY C 219 1.82 -30.59 -17.26
N THR C 220 1.37 -31.55 -18.08
CA THR C 220 0.67 -32.74 -17.61
C THR C 220 1.57 -33.96 -17.75
N TYR C 221 1.64 -34.76 -16.70
CA TYR C 221 2.46 -35.96 -16.65
C TYR C 221 1.67 -37.11 -16.06
N HIS C 222 1.95 -38.31 -16.54
CA HIS C 222 1.47 -39.53 -15.88
C HIS C 222 2.50 -39.92 -14.85
N LEU C 223 2.07 -39.98 -13.59
CA LEU C 223 2.96 -40.23 -12.46
C LEU C 223 2.43 -41.49 -11.79
N VAL C 224 2.96 -42.63 -12.22
CA VAL C 224 2.58 -43.94 -11.69
C VAL C 224 3.84 -44.75 -11.48
N ALA C 225 3.76 -45.73 -10.58
CA ALA C 225 4.79 -46.74 -10.53
C ALA C 225 4.81 -47.50 -11.86
N SER C 226 5.91 -48.22 -12.12
CA SER C 226 6.05 -48.90 -13.39
C SER C 226 5.39 -50.29 -13.35
N GLY C 227 5.14 -50.83 -14.55
CA GLY C 227 4.51 -52.15 -14.67
C GLY C 227 3.01 -52.08 -14.61
N GLU C 228 2.39 -53.25 -14.54
CA GLU C 228 0.94 -53.29 -14.46
C GLU C 228 0.52 -54.61 -13.83
N THR C 229 -0.66 -54.59 -13.22
CA THR C 229 -1.26 -55.79 -12.65
C THR C 229 -2.78 -55.63 -12.68
N SER C 230 -3.48 -56.74 -12.55
CA SER C 230 -4.91 -56.66 -12.30
C SER C 230 -5.15 -56.54 -10.79
N TRP C 231 -6.37 -56.13 -10.42
CA TRP C 231 -6.71 -56.09 -9.01
C TRP C 231 -6.49 -57.46 -8.38
N CYS C 232 -6.83 -58.51 -9.10
CA CYS C 232 -6.72 -59.87 -8.57
C CYS C 232 -5.27 -60.21 -8.22
N ASP C 233 -4.34 -59.97 -9.16
CA ASP C 233 -2.94 -60.31 -8.89
C ASP C 233 -2.31 -59.34 -7.91
N TYR C 234 -2.79 -58.09 -7.88
CA TYR C 234 -2.40 -57.15 -6.84
C TYR C 234 -2.75 -57.70 -5.46
N ALA C 235 -3.99 -58.14 -5.27
CA ALA C 235 -4.37 -58.75 -3.99
C ALA C 235 -3.51 -59.98 -3.68
N ARG C 236 -3.26 -60.82 -4.69
CA ARG C 236 -2.44 -62.00 -4.44
C ARG C 236 -1.05 -61.61 -3.96
N TYR C 237 -0.49 -60.53 -4.53
CA TYR C 237 0.84 -60.09 -4.11
C TYR C 237 0.82 -59.61 -2.66
N VAL C 238 -0.24 -58.87 -2.28
CA VAL C 238 -0.36 -58.40 -0.91
C VAL C 238 -0.36 -59.57 0.06
N PHE C 239 -1.11 -60.63 -0.28
CA PHE C 239 -1.16 -61.80 0.60
C PHE C 239 0.18 -62.51 0.64
N GLU C 240 0.87 -62.57 -0.51
CA GLU C 240 2.17 -63.20 -0.56
C GLU C 240 3.15 -62.48 0.35
N VAL C 241 3.20 -61.15 0.26
CA VAL C 241 4.09 -60.37 1.12
C VAL C 241 3.69 -60.53 2.59
N ALA C 242 2.39 -60.50 2.90
CA ALA C 242 1.98 -60.60 4.29
C ALA C 242 2.37 -61.94 4.89
N ARG C 243 2.11 -63.03 4.15
CA ARG C 243 2.51 -64.35 4.65
C ARG C 243 4.03 -64.48 4.74
N ALA C 244 4.76 -63.81 3.86
CA ALA C 244 6.22 -63.86 3.96
C ALA C 244 6.70 -63.19 5.23
N HIS C 245 5.93 -62.26 5.78
CA HIS C 245 6.24 -61.59 7.04
C HIS C 245 5.50 -62.20 8.23
N GLY C 246 5.03 -63.44 8.09
CA GLY C 246 4.49 -64.18 9.21
C GLY C 246 3.01 -63.98 9.46
N ALA C 247 2.34 -63.12 8.69
CA ALA C 247 0.92 -62.91 8.89
C ALA C 247 0.16 -64.21 8.66
N GLU C 248 -0.82 -64.47 9.51
CA GLU C 248 -1.71 -65.61 9.37
C GLU C 248 -3.00 -65.12 8.73
N LEU C 249 -3.31 -65.66 7.56
CA LEU C 249 -4.46 -65.24 6.77
C LEU C 249 -5.42 -66.41 6.59
N ALA C 250 -6.71 -66.10 6.63
CA ALA C 250 -7.72 -67.13 6.44
C ALA C 250 -7.89 -67.51 4.98
N VAL C 251 -7.61 -66.58 4.06
CA VAL C 251 -8.00 -66.78 2.67
C VAL C 251 -7.24 -67.96 2.07
N GLN C 252 -7.99 -68.85 1.42
CA GLN C 252 -7.40 -70.02 0.78
CA GLN C 252 -7.46 -70.06 0.79
C GLN C 252 -7.56 -70.03 -0.73
N GLU C 253 -8.59 -69.39 -1.27
CA GLU C 253 -8.84 -69.36 -2.72
C GLU C 253 -9.05 -67.92 -3.14
N VAL C 254 -8.35 -67.51 -4.20
CA VAL C 254 -8.56 -66.20 -4.82
C VAL C 254 -8.91 -66.45 -6.28
N LYS C 255 -10.12 -66.08 -6.67
CA LYS C 255 -10.63 -66.33 -8.01
C LYS C 255 -10.73 -65.03 -8.78
N GLY C 256 -10.25 -65.03 -10.02
CA GLY C 256 -10.36 -63.87 -10.87
C GLY C 256 -11.72 -63.86 -11.56
N ILE C 257 -12.36 -62.70 -11.57
CA ILE C 257 -13.67 -62.57 -12.21
C ILE C 257 -13.64 -61.38 -13.17
N PRO C 258 -14.44 -61.41 -14.23
CA PRO C 258 -14.47 -60.26 -15.14
C PRO C 258 -15.25 -59.10 -14.55
N THR C 259 -15.00 -57.92 -15.11
CA THR C 259 -15.76 -56.74 -14.73
C THR C 259 -17.26 -56.94 -14.96
N THR C 260 -17.63 -57.71 -15.99
CA THR C 260 -19.03 -57.94 -16.31
C THR C 260 -19.74 -58.82 -15.29
N ALA C 261 -19.02 -59.42 -14.34
CA ALA C 261 -19.62 -60.38 -13.43
C ALA C 261 -20.56 -59.73 -12.42
N TYR C 262 -20.29 -58.49 -12.03
CA TYR C 262 -21.15 -57.80 -11.08
C TYR C 262 -21.25 -56.33 -11.44
N PRO C 263 -22.45 -55.79 -11.62
CA PRO C 263 -22.58 -54.38 -11.98
C PRO C 263 -22.10 -53.46 -10.86
N THR C 264 -21.61 -52.30 -11.26
CA THR C 264 -21.30 -51.20 -10.35
C THR C 264 -21.96 -49.93 -10.89
N PRO C 265 -22.31 -48.99 -10.00
CA PRO C 265 -22.92 -47.76 -10.50
C PRO C 265 -22.05 -47.01 -11.51
N ALA C 266 -20.74 -47.02 -11.31
CA ALA C 266 -19.80 -46.35 -12.20
C ALA C 266 -19.15 -47.37 -13.12
N LYS C 267 -19.31 -47.18 -14.43
CA LYS C 267 -18.58 -47.99 -15.40
C LYS C 267 -17.09 -47.70 -15.25
N ARG C 268 -16.29 -48.75 -15.21
CA ARG C 268 -14.88 -48.52 -15.01
C ARG C 268 -14.10 -48.88 -16.28
N PRO C 269 -12.98 -48.22 -16.52
CA PRO C 269 -12.15 -48.58 -17.67
C PRO C 269 -11.40 -49.88 -17.41
N LEU C 270 -11.21 -50.67 -18.47
CA LEU C 270 -10.45 -51.90 -18.31
C LEU C 270 -8.95 -51.65 -18.40
N ASN C 271 -8.51 -50.79 -19.32
CA ASN C 271 -7.09 -50.48 -19.48
C ASN C 271 -6.81 -49.17 -18.76
N SER C 272 -6.19 -49.27 -17.58
CA SER C 272 -5.71 -48.10 -16.84
C SER C 272 -4.20 -47.94 -16.92
N ARG C 273 -3.54 -48.61 -17.85
CA ARG C 273 -2.10 -48.40 -18.01
C ARG C 273 -1.80 -46.98 -18.44
N LEU C 274 -0.86 -46.33 -17.76
CA LEU C 274 -0.42 -44.98 -18.10
C LEU C 274 1.09 -45.03 -18.34
N SER C 275 1.54 -44.60 -19.52
CA SER C 275 2.96 -44.50 -19.76
C SER C 275 3.57 -43.44 -18.85
N ASN C 276 4.62 -43.80 -18.12
CA ASN C 276 5.28 -42.86 -17.22
C ASN C 276 6.63 -42.40 -17.78
N GLU C 277 6.84 -42.54 -19.09
CA GLU C 277 8.12 -42.19 -19.71
C GLU C 277 8.37 -40.69 -19.69
N LYS C 278 7.33 -39.89 -19.93
CA LYS C 278 7.51 -38.44 -19.97
C LYS C 278 8.01 -37.90 -18.63
N PHE C 279 7.44 -38.38 -17.52
CA PHE C 279 7.88 -37.92 -16.21
C PHE C 279 9.32 -38.33 -15.94
N GLN C 280 9.67 -39.58 -16.22
CA GLN C 280 11.04 -40.03 -15.97
C GLN C 280 12.05 -39.22 -16.75
N GLN C 281 11.74 -38.90 -18.01
CA GLN C 281 12.68 -38.14 -18.84
C GLN C 281 12.76 -36.69 -18.43
N ALA C 282 11.63 -36.07 -18.11
CA ALA C 282 11.62 -34.65 -17.78
C ALA C 282 12.35 -34.38 -16.47
N PHE C 283 12.14 -35.23 -15.47
CA PHE C 283 12.61 -34.93 -14.13
C PHE C 283 13.79 -35.80 -13.68
N GLY C 284 14.28 -36.68 -14.55
CA GLY C 284 15.46 -37.47 -14.23
C GLY C 284 15.25 -38.40 -13.05
N VAL C 285 14.13 -39.10 -13.02
CA VAL C 285 13.80 -40.00 -11.93
C VAL C 285 13.60 -41.40 -12.48
N THR C 286 13.83 -42.36 -11.61
CA THR C 286 13.48 -43.75 -11.85
C THR C 286 12.17 -44.03 -11.16
N LEU C 287 11.26 -44.72 -11.86
CA LEU C 287 10.00 -45.06 -11.23
C LEU C 287 9.96 -46.56 -11.07
N PRO C 288 10.14 -47.08 -9.86
CA PRO C 288 10.26 -48.52 -9.70
C PRO C 288 8.99 -49.26 -10.06
N ASP C 289 9.15 -50.57 -10.28
CA ASP C 289 8.02 -51.47 -10.40
C ASP C 289 7.05 -51.30 -9.23
N TRP C 290 5.76 -51.45 -9.51
CA TRP C 290 4.72 -51.22 -8.51
C TRP C 290 4.87 -52.11 -7.28
N ARG C 291 5.50 -53.27 -7.39
CA ARG C 291 5.52 -54.18 -6.25
C ARG C 291 6.29 -53.62 -5.06
N GLN C 292 7.32 -52.82 -5.32
CA GLN C 292 8.19 -52.39 -4.22
C GLN C 292 7.41 -51.55 -3.21
N GLY C 293 6.65 -50.57 -3.70
CA GLY C 293 5.92 -49.72 -2.78
C GLY C 293 4.84 -50.47 -2.04
N VAL C 294 4.24 -51.48 -2.68
CA VAL C 294 3.18 -52.25 -2.04
C VAL C 294 3.75 -53.13 -0.95
N ALA C 295 4.88 -53.79 -1.22
CA ALA C 295 5.49 -54.62 -0.21
C ALA C 295 5.90 -53.80 1.00
N ARG C 296 6.34 -52.56 0.76
CA ARG C 296 6.75 -51.71 1.87
C ARG C 296 5.55 -51.33 2.74
N VAL C 297 4.43 -50.97 2.12
CA VAL C 297 3.25 -50.60 2.89
C VAL C 297 2.71 -51.82 3.64
N VAL C 298 2.68 -52.99 3.00
CA VAL C 298 2.21 -54.17 3.71
C VAL C 298 3.09 -54.41 4.93
N THR C 299 4.41 -54.30 4.75
CA THR C 299 5.33 -54.48 5.87
C THR C 299 5.03 -53.50 7.00
N GLU C 300 4.81 -52.23 6.68
CA GLU C 300 4.54 -51.24 7.72
C GLU C 300 3.21 -51.48 8.42
N VAL C 301 2.17 -51.83 7.65
CA VAL C 301 0.85 -52.07 8.24
C VAL C 301 0.90 -53.22 9.22
N LEU C 302 1.74 -54.23 8.96
CA LEU C 302 1.92 -55.35 9.88
C LEU C 302 2.84 -55.04 11.04
N GLY C 303 3.45 -53.85 11.07
CA GLY C 303 4.37 -53.54 12.15
C GLY C 303 5.73 -54.20 12.02
N LYS C 304 6.09 -54.66 10.82
CA LYS C 304 7.33 -55.37 10.59
C LYS C 304 8.40 -54.49 9.94
N HIS D 8 -17.87 11.05 5.24
CA HIS D 8 -18.03 11.42 6.64
C HIS D 8 -16.72 11.28 7.40
N MET D 9 -16.44 12.23 8.27
CA MET D 9 -15.31 12.09 9.18
C MET D 9 -15.55 10.94 10.16
N LYS D 10 -14.45 10.42 10.70
CA LYS D 10 -14.49 9.35 11.67
C LYS D 10 -14.15 9.92 13.04
N ILE D 11 -15.03 9.70 14.00
CA ILE D 11 -14.85 10.20 15.36
C ILE D 11 -14.72 9.00 16.29
N LEU D 12 -13.67 8.99 17.09
CA LEU D 12 -13.46 7.95 18.10
C LEU D 12 -13.79 8.54 19.46
N LEU D 13 -14.77 7.95 20.13
CA LEU D 13 -15.20 8.38 21.45
C LEU D 13 -14.80 7.31 22.46
N ILE D 14 -13.98 7.71 23.43
CA ILE D 14 -13.53 6.84 24.50
CA ILE D 14 -13.52 6.85 24.52
C ILE D 14 -14.27 7.24 25.78
N GLY D 15 -14.67 6.26 26.58
CA GLY D 15 -15.45 6.56 27.77
C GLY D 15 -16.92 6.79 27.48
N LYS D 16 -17.49 6.03 26.54
CA LYS D 16 -18.82 6.35 26.03
C LYS D 16 -19.91 6.26 27.09
N ASN D 17 -19.68 5.53 28.18
CA ASN D 17 -20.76 5.24 29.11
C ASN D 17 -20.82 6.20 30.29
N GLY D 18 -19.89 7.14 30.39
CA GLY D 18 -19.86 8.05 31.51
C GLY D 18 -20.93 9.11 31.41
N GLN D 19 -20.91 10.04 32.38
CA GLN D 19 -21.87 11.14 32.34
C GLN D 19 -21.71 11.96 31.07
N VAL D 20 -20.49 12.44 30.80
CA VAL D 20 -20.26 13.23 29.61
C VAL D 20 -20.28 12.34 28.37
N GLY D 21 -19.68 11.14 28.46
CA GLY D 21 -19.64 10.25 27.32
C GLY D 21 -21.02 9.93 26.75
N TRP D 22 -21.99 9.70 27.62
CA TRP D 22 -23.33 9.38 27.13
C TRP D 22 -23.92 10.55 26.35
N GLU D 23 -23.71 11.77 26.82
CA GLU D 23 -24.25 12.92 26.11
C GLU D 23 -23.47 13.17 24.83
N LEU D 24 -22.17 12.85 24.84
CA LEU D 24 -21.37 12.93 23.63
C LEU D 24 -21.82 11.93 22.57
N GLN D 25 -22.34 10.76 22.97
CA GLN D 25 -22.87 9.85 21.95
C GLN D 25 -23.96 10.54 21.14
N ARG D 26 -24.73 11.41 21.79
CA ARG D 26 -25.72 12.24 21.10
C ARG D 26 -25.07 13.38 20.32
N SER D 27 -24.26 14.21 21.00
CA SER D 27 -23.84 15.46 20.35
C SER D 27 -22.86 15.22 19.22
N LEU D 28 -22.06 14.16 19.30
CA LEU D 28 -21.10 13.87 18.24
C LEU D 28 -21.74 13.17 17.04
N SER D 29 -22.96 12.66 17.19
CA SER D 29 -23.52 11.80 16.17
C SER D 29 -23.77 12.51 14.83
N THR D 30 -23.83 13.83 14.82
CA THR D 30 -24.04 14.55 13.57
C THR D 30 -22.76 15.11 12.97
N LEU D 31 -21.64 14.92 13.66
CA LEU D 31 -20.36 15.42 13.15
C LEU D 31 -19.67 14.42 12.22
N GLY D 32 -20.07 13.16 12.25
CA GLY D 32 -19.49 12.15 11.39
C GLY D 32 -19.89 10.76 11.87
N ASP D 33 -19.14 9.76 11.41
CA ASP D 33 -19.36 8.38 11.86
C ASP D 33 -18.66 8.19 13.20
N VAL D 34 -19.42 7.89 14.25
CA VAL D 34 -18.87 7.75 15.59
C VAL D 34 -18.60 6.28 15.87
N VAL D 35 -17.38 5.99 16.30
CA VAL D 35 -17.02 4.71 16.89
C VAL D 35 -16.83 4.98 18.38
N ALA D 36 -17.70 4.42 19.20
CA ALA D 36 -17.73 4.71 20.64
C ALA D 36 -17.35 3.47 21.41
N VAL D 37 -16.38 3.60 22.33
CA VAL D 37 -15.90 2.47 23.12
C VAL D 37 -15.90 2.87 24.59
N ASP D 38 -15.93 1.84 25.45
CA ASP D 38 -15.62 1.98 26.86
C ASP D 38 -14.87 0.72 27.26
N TYR D 39 -14.49 0.63 28.53
CA TYR D 39 -13.49 -0.37 28.90
C TYR D 39 -14.00 -1.80 28.75
N PHE D 40 -15.32 -2.00 28.66
CA PHE D 40 -15.88 -3.35 28.53
CA PHE D 40 -15.92 -3.33 28.53
C PHE D 40 -16.08 -3.78 27.09
N ASP D 41 -15.72 -2.94 26.11
CA ASP D 41 -15.85 -3.32 24.71
C ASP D 41 -14.96 -4.52 24.39
N LYS D 42 -15.44 -5.40 23.52
CA LYS D 42 -14.75 -6.64 23.20
C LYS D 42 -14.10 -6.62 21.82
N GLU D 43 -14.72 -5.98 20.82
CA GLU D 43 -14.14 -5.93 19.49
C GLU D 43 -12.90 -5.03 19.48
N LEU D 44 -13.09 -3.76 19.85
CA LEU D 44 -12.01 -2.80 20.00
C LEU D 44 -11.68 -2.63 21.48
N CYS D 45 -10.39 -2.48 21.78
CA CYS D 45 -10.00 -2.18 23.14
C CYS D 45 -10.47 -0.78 23.51
N GLY D 46 -11.34 -0.69 24.52
CA GLY D 46 -11.77 0.59 25.04
C GLY D 46 -11.17 0.91 26.39
N ASP D 47 -10.20 0.13 26.86
CA ASP D 47 -9.60 0.30 28.18
C ASP D 47 -8.39 1.22 28.05
N LEU D 48 -8.53 2.45 28.55
CA LEU D 48 -7.48 3.44 28.43
C LEU D 48 -6.24 3.09 29.25
N THR D 49 -6.35 2.17 30.21
CA THR D 49 -5.19 1.74 30.98
C THR D 49 -4.42 0.59 30.32
N ASN D 50 -4.93 0.06 29.22
CA ASN D 50 -4.22 -0.94 28.42
C ASN D 50 -3.53 -0.16 27.31
N LEU D 51 -2.29 0.30 27.59
CA LEU D 51 -1.66 1.29 26.72
C LEU D 51 -1.46 0.75 25.31
N ASP D 52 -1.13 -0.53 25.18
CA ASP D 52 -0.97 -1.10 23.84
C ASP D 52 -2.31 -1.33 23.16
N GLY D 53 -3.32 -1.72 23.93
CA GLY D 53 -4.63 -1.95 23.34
C GLY D 53 -5.30 -0.68 22.85
N ILE D 54 -5.25 0.39 23.67
CA ILE D 54 -5.90 1.62 23.26
C ILE D 54 -5.18 2.22 22.05
N ALA D 55 -3.85 2.06 21.96
CA ALA D 55 -3.13 2.54 20.79
C ALA D 55 -3.55 1.77 19.54
N GLN D 56 -3.72 0.46 19.67
CA GLN D 56 -4.21 -0.34 18.55
C GLN D 56 -5.60 0.10 18.11
N THR D 57 -6.45 0.51 19.06
CA THR D 57 -7.77 0.99 18.68
C THR D 57 -7.68 2.25 17.85
N VAL D 58 -6.83 3.20 18.25
CA VAL D 58 -6.66 4.41 17.44
C VAL D 58 -6.12 4.04 16.06
N ARG D 59 -5.17 3.10 15.99
CA ARG D 59 -4.57 2.74 14.72
C ARG D 59 -5.58 2.04 13.81
N THR D 60 -6.47 1.24 14.39
CA THR D 60 -7.47 0.52 13.61
C THR D 60 -8.55 1.46 13.10
N VAL D 61 -9.09 2.28 14.01
CA VAL D 61 -10.21 3.14 13.67
C VAL D 61 -9.78 4.26 12.73
N ARG D 62 -8.54 4.74 12.86
CA ARG D 62 -8.03 5.86 12.08
C ARG D 62 -8.97 7.08 12.15
N PRO D 63 -9.24 7.58 13.36
CA PRO D 63 -10.18 8.69 13.50
C PRO D 63 -9.61 10.00 12.98
N ASP D 64 -10.51 10.89 12.57
CA ASP D 64 -10.19 12.28 12.31
C ASP D 64 -10.26 13.12 13.58
N VAL D 65 -11.08 12.70 14.53
CA VAL D 65 -11.27 13.36 15.82
C VAL D 65 -11.32 12.27 16.89
N VAL D 66 -10.55 12.44 17.96
CA VAL D 66 -10.60 11.58 19.12
C VAL D 66 -11.17 12.39 20.28
N VAL D 67 -12.21 11.86 20.93
CA VAL D 67 -12.78 12.54 22.09
C VAL D 67 -12.62 11.61 23.28
N ASN D 68 -11.81 12.02 24.25
CA ASN D 68 -11.52 11.22 25.44
C ASN D 68 -12.41 11.66 26.59
N ALA D 69 -13.47 10.90 26.85
CA ALA D 69 -14.35 11.15 27.99
C ALA D 69 -14.19 10.11 29.10
N ALA D 70 -13.11 9.35 29.07
CA ALA D 70 -12.78 8.38 30.11
C ALA D 70 -11.79 9.00 31.09
N ALA D 71 -11.93 8.65 32.37
CA ALA D 71 -10.99 9.12 33.37
C ALA D 71 -11.16 8.30 34.63
N HIS D 72 -10.16 8.41 35.51
CA HIS D 72 -10.29 8.01 36.91
C HIS D 72 -10.95 9.17 37.65
N THR D 73 -12.20 9.00 38.07
CA THR D 73 -12.99 10.09 38.60
C THR D 73 -13.27 9.98 40.09
N ALA D 74 -12.73 8.96 40.77
CA ALA D 74 -12.91 8.79 42.21
C ALA D 74 -11.75 9.48 42.93
N VAL D 75 -11.98 10.74 43.31
CA VAL D 75 -10.90 11.62 43.77
C VAL D 75 -10.25 11.06 45.04
N ASP D 76 -11.06 10.66 46.02
CA ASP D 76 -10.49 10.15 47.26
C ASP D 76 -9.80 8.82 47.05
N LYS D 77 -10.40 7.94 46.25
CA LYS D 77 -9.75 6.65 45.96
C LYS D 77 -8.41 6.86 45.25
N ALA D 78 -8.30 7.91 44.43
CA ALA D 78 -7.06 8.18 43.71
C ALA D 78 -5.87 8.37 44.65
N GLU D 79 -6.12 8.83 45.88
CA GLU D 79 -5.03 9.04 46.83
C GLU D 79 -4.33 7.74 47.19
N SER D 80 -5.06 6.62 47.16
CA SER D 80 -4.44 5.32 47.36
C SER D 80 -4.17 4.58 46.06
N GLU D 81 -4.87 4.94 44.98
CA GLU D 81 -4.66 4.33 43.66
C GLU D 81 -3.85 5.25 42.77
N ARG D 82 -2.62 5.53 43.23
CA ARG D 82 -1.74 6.42 42.46
C ARG D 82 -1.44 5.84 41.08
N GLU D 83 -1.13 4.54 41.02
CA GLU D 83 -0.73 3.92 39.76
C GLU D 83 -1.87 3.97 38.75
N LEU D 84 -3.09 3.70 39.19
CA LEU D 84 -4.23 3.73 38.28
C LEU D 84 -4.50 5.16 37.78
N SER D 85 -4.32 6.16 38.65
CA SER D 85 -4.52 7.54 38.22
C SER D 85 -3.48 7.96 37.18
N ASP D 86 -2.23 7.53 37.35
CA ASP D 86 -1.21 7.81 36.35
C ASP D 86 -1.57 7.22 35.00
N LEU D 87 -2.08 5.99 34.99
CA LEU D 87 -2.45 5.35 33.74
C LEU D 87 -3.64 6.06 33.09
N LEU D 88 -4.69 6.31 33.87
CA LEU D 88 -5.92 6.81 33.29
C LEU D 88 -5.83 8.29 32.93
N ASN D 89 -5.12 9.08 33.73
CA ASN D 89 -5.13 10.53 33.56
C ASN D 89 -3.88 11.08 32.90
N ASP D 90 -2.80 10.29 32.85
CA ASP D 90 -1.52 10.79 32.33
C ASP D 90 -1.00 9.88 31.22
N LYS D 91 -0.60 8.64 31.54
CA LYS D 91 0.05 7.80 30.55
C LYS D 91 -0.88 7.44 29.40
N GLY D 92 -2.15 7.15 29.70
CA GLY D 92 -3.09 6.84 28.64
C GLY D 92 -3.37 8.04 27.77
N VAL D 93 -3.40 9.24 28.37
CA VAL D 93 -3.58 10.46 27.61
C VAL D 93 -2.41 10.69 26.67
N ALA D 94 -1.20 10.43 27.16
CA ALA D 94 0.00 10.57 26.33
C ALA D 94 -0.04 9.63 25.13
N VAL D 95 -0.52 8.40 25.33
CA VAL D 95 -0.64 7.46 24.22
C VAL D 95 -1.65 7.97 23.20
N LEU D 96 -2.81 8.43 23.68
CA LEU D 96 -3.81 8.98 22.76
C LEU D 96 -3.25 10.19 22.02
N ALA D 97 -2.50 11.06 22.71
CA ALA D 97 -1.94 12.22 22.04
C ALA D 97 -0.97 11.82 20.95
N ALA D 98 -0.12 10.82 21.24
CA ALA D 98 0.88 10.37 20.27
C ALA D 98 0.22 9.71 19.06
N GLU D 99 -0.77 8.85 19.30
CA GLU D 99 -1.40 8.12 18.21
C GLU D 99 -2.31 9.02 17.38
N SER D 100 -2.99 9.98 18.02
CA SER D 100 -3.80 10.91 17.26
C SER D 100 -2.94 11.87 16.46
N ALA D 101 -1.80 12.30 17.03
CA ALA D 101 -0.93 13.18 16.27
C ALA D 101 -0.33 12.49 15.06
N LYS D 102 -0.04 11.19 15.16
CA LYS D 102 0.45 10.45 14.01
C LYS D 102 -0.54 10.49 12.86
N LEU D 103 -1.83 10.51 13.18
CA LEU D 103 -2.90 10.53 12.19
C LEU D 103 -3.27 11.94 11.75
N GLY D 104 -2.75 12.97 12.42
CA GLY D 104 -3.26 14.30 12.19
C GLY D 104 -4.65 14.53 12.75
N ALA D 105 -5.05 13.72 13.73
CA ALA D 105 -6.39 13.84 14.28
C ALA D 105 -6.45 14.95 15.32
N LEU D 106 -7.62 15.58 15.42
CA LEU D 106 -7.89 16.53 16.48
C LEU D 106 -8.26 15.75 17.73
N MET D 107 -7.62 16.06 18.85
CA MET D 107 -7.89 15.33 20.09
C MET D 107 -8.53 16.26 21.12
N VAL D 108 -9.64 15.81 21.69
CA VAL D 108 -10.39 16.52 22.73
C VAL D 108 -10.22 15.78 24.03
N HIS D 109 -9.90 16.51 25.10
CA HIS D 109 -9.63 15.93 26.40
C HIS D 109 -10.23 16.83 27.47
N TYR D 110 -10.75 16.22 28.55
CA TYR D 110 -11.32 16.99 29.65
C TYR D 110 -10.39 17.00 30.84
N SER D 111 -10.39 18.11 31.56
CA SER D 111 -9.57 18.25 32.76
C SER D 111 -10.44 18.92 33.83
N THR D 112 -9.80 19.48 34.85
CA THR D 112 -10.47 19.74 36.11
C THR D 112 -9.98 21.04 36.76
N ASP D 113 -10.89 21.69 37.49
CA ASP D 113 -10.48 22.77 38.38
C ASP D 113 -9.49 22.28 39.43
N TYR D 114 -9.40 20.97 39.66
CA TYR D 114 -8.47 20.48 40.66
C TYR D 114 -7.01 20.60 40.25
N VAL D 115 -6.70 21.12 39.06
CA VAL D 115 -5.31 21.42 38.75
C VAL D 115 -4.82 22.65 39.51
N PHE D 116 -5.72 23.41 40.11
CA PHE D 116 -5.35 24.64 40.81
C PHE D 116 -5.33 24.46 42.32
N ASP D 117 -4.69 25.41 43.01
CA ASP D 117 -4.53 25.31 44.45
C ASP D 117 -5.75 25.78 45.23
N GLY D 118 -6.79 26.26 44.54
CA GLY D 118 -8.01 26.69 45.21
C GLY D 118 -7.89 27.96 46.02
N ALA D 119 -6.82 28.74 45.85
CA ALA D 119 -6.69 29.95 46.61
C ALA D 119 -7.54 31.06 45.99
N GLY D 120 -7.80 32.10 46.80
CA GLY D 120 -8.46 33.28 46.32
C GLY D 120 -9.97 33.11 46.23
N SER D 121 -10.59 34.04 45.51
CA SER D 121 -12.03 33.93 45.23
C SER D 121 -12.38 34.46 43.84
N HIS D 122 -11.40 34.55 42.94
CA HIS D 122 -11.63 35.00 41.58
C HIS D 122 -11.85 33.83 40.64
N TYR D 123 -12.42 34.13 39.48
CA TYR D 123 -12.58 33.17 38.39
C TYR D 123 -11.24 32.99 37.69
N ARG D 124 -10.64 31.82 37.85
CA ARG D 124 -9.29 31.60 37.34
C ARG D 124 -9.26 31.57 35.83
N ARG D 125 -8.29 32.27 35.26
CA ARG D 125 -8.07 32.26 33.82
C ARG D 125 -7.17 31.09 33.45
N GLU D 126 -7.23 30.72 32.16
CA GLU D 126 -6.58 29.50 31.69
C GLU D 126 -5.08 29.50 31.92
N ASP D 127 -4.44 30.66 31.83
CA ASP D 127 -2.97 30.74 31.89
C ASP D 127 -2.44 30.91 33.30
N GLU D 128 -3.28 30.88 34.33
CA GLU D 128 -2.77 31.01 35.68
C GLU D 128 -2.01 29.76 36.09
N ALA D 129 -1.00 29.94 36.94
CA ALA D 129 -0.17 28.82 37.35
C ALA D 129 -1.00 27.75 38.05
N THR D 130 -0.74 26.49 37.71
CA THR D 130 -1.39 25.38 38.38
C THR D 130 -0.60 24.98 39.63
N GLY D 131 -1.25 24.22 40.49
CA GLY D 131 -0.65 23.77 41.73
C GLY D 131 -1.61 22.87 42.47
N PRO D 132 -1.80 21.65 41.96
CA PRO D 132 -2.84 20.76 42.50
C PRO D 132 -2.58 20.39 43.95
N LEU D 133 -3.65 20.15 44.68
CA LEU D 133 -3.57 19.79 46.10
C LEU D 133 -3.67 18.29 46.32
N ASN D 134 -3.87 17.50 45.27
CA ASN D 134 -4.17 16.09 45.41
C ASN D 134 -3.69 15.34 44.18
N VAL D 135 -3.68 14.02 44.28
CA VAL D 135 -3.17 13.15 43.22
C VAL D 135 -4.03 13.26 41.97
N TYR D 136 -5.35 13.31 42.13
CA TYR D 136 -6.22 13.51 40.98
C TYR D 136 -5.79 14.73 40.19
N GLY D 137 -5.64 15.87 40.86
CA GLY D 137 -5.24 17.08 40.16
C GLY D 137 -3.85 16.97 39.56
N GLU D 138 -2.91 16.38 40.31
CA GLU D 138 -1.55 16.23 39.80
C GLU D 138 -1.52 15.38 38.53
N THR D 139 -2.21 14.22 38.55
CA THR D 139 -2.17 13.37 37.37
C THR D 139 -2.95 13.97 36.21
N LYS D 140 -4.04 14.70 36.50
CA LYS D 140 -4.76 15.38 35.42
C LYS D 140 -3.91 16.45 34.78
N ARG D 141 -3.17 17.22 35.58
CA ARG D 141 -2.31 18.26 35.03
C ARG D 141 -1.16 17.64 34.22
N ALA D 142 -0.58 16.53 34.70
CA ALA D 142 0.44 15.85 33.91
C ALA D 142 -0.12 15.42 32.55
N GLY D 143 -1.36 14.94 32.53
CA GLY D 143 -1.97 14.56 31.27
C GLY D 143 -2.18 15.74 30.33
N GLU D 144 -2.60 16.89 30.88
CA GLU D 144 -2.69 18.11 30.08
C GLU D 144 -1.38 18.40 29.37
N LEU D 145 -0.27 18.36 30.12
CA LEU D 145 1.03 18.68 29.54
C LEU D 145 1.44 17.62 28.53
N ALA D 146 1.07 16.36 28.76
CA ALA D 146 1.39 15.29 27.81
C ALA D 146 0.69 15.51 26.48
N LEU D 147 -0.58 15.92 26.52
CA LEU D 147 -1.29 16.24 25.29
C LEU D 147 -0.72 17.48 24.61
N GLU D 148 -0.44 18.54 25.39
CA GLU D 148 0.16 19.74 24.82
C GLU D 148 1.45 19.44 24.06
N GLN D 149 2.29 18.61 24.64
CA GLN D 149 3.57 18.27 24.02
C GLN D 149 3.42 17.22 22.92
N GLY D 150 2.38 16.40 22.97
CA GLY D 150 2.22 15.29 22.05
C GLY D 150 1.40 15.56 20.79
N ASN D 151 0.39 16.42 20.89
CA ASN D 151 -0.46 16.72 19.74
C ASN D 151 -0.87 18.19 19.76
N PRO D 152 -0.25 19.02 18.91
CA PRO D 152 -0.65 20.44 18.84
C PRO D 152 -2.10 20.65 18.44
N ARG D 153 -2.69 19.69 17.75
CA ARG D 153 -4.07 19.81 17.28
CA ARG D 153 -4.07 19.79 17.28
C ARG D 153 -4.99 19.21 18.35
N HIS D 154 -5.22 20.01 19.41
CA HIS D 154 -5.99 19.53 20.56
C HIS D 154 -6.95 20.58 21.10
N LEU D 155 -7.93 20.11 21.88
CA LEU D 155 -8.78 20.94 22.71
C LEU D 155 -8.77 20.33 24.11
N ILE D 156 -8.34 21.10 25.10
CA ILE D 156 -8.42 20.69 26.51
C ILE D 156 -9.48 21.55 27.18
N PHE D 157 -10.49 20.89 27.76
CA PHE D 157 -11.60 21.59 28.41
C PHE D 157 -11.54 21.28 29.91
N ARG D 158 -11.11 22.25 30.72
CA ARG D 158 -11.20 22.06 32.17
C ARG D 158 -12.62 22.35 32.60
N THR D 159 -13.18 21.48 33.42
CA THR D 159 -14.55 21.68 33.88
C THR D 159 -14.63 21.29 35.36
N SER D 160 -15.85 21.32 35.91
CA SER D 160 -16.00 21.19 37.34
C SER D 160 -17.37 20.65 37.70
N TRP D 161 -17.41 19.83 38.75
CA TRP D 161 -18.66 19.51 39.44
C TRP D 161 -19.71 18.97 38.46
N VAL D 162 -19.33 17.93 37.69
CA VAL D 162 -20.18 17.49 36.58
C VAL D 162 -21.34 16.65 37.09
N TYR D 163 -22.53 16.89 36.52
CA TYR D 163 -23.74 16.15 36.86
C TYR D 163 -24.49 15.84 35.56
N ALA D 164 -25.46 14.93 35.65
CA ALA D 164 -26.26 14.52 34.51
C ALA D 164 -27.46 13.75 35.03
N THR D 165 -28.47 13.59 34.16
CA THR D 165 -29.63 12.77 34.49
C THR D 165 -29.25 11.31 34.66
N ARG D 166 -28.30 10.85 33.83
CA ARG D 166 -27.82 9.48 33.81
C ARG D 166 -26.42 9.47 34.43
N GLY D 167 -26.24 8.67 35.46
CA GLY D 167 -24.98 8.61 36.17
C GLY D 167 -25.16 8.98 37.62
N ALA D 168 -24.04 8.96 38.34
CA ALA D 168 -24.00 9.32 39.74
C ALA D 168 -23.36 10.68 39.90
N ASN D 169 -23.92 11.51 40.78
CA ASN D 169 -23.43 12.87 40.95
C ASN D 169 -24.08 13.48 42.18
N PHE D 170 -23.59 14.66 42.55
CA PHE D 170 -24.03 15.33 43.78
C PHE D 170 -25.53 15.65 43.74
N ALA D 171 -26.04 16.10 42.59
CA ALA D 171 -27.45 16.49 42.54
C ALA D 171 -28.35 15.32 42.85
N LYS D 172 -28.09 14.17 42.23
CA LYS D 172 -28.95 13.00 42.43
C LYS D 172 -28.74 12.40 43.82
N THR D 173 -27.51 12.43 44.31
CA THR D 173 -27.26 11.95 45.66
C THR D 173 -27.99 12.80 46.69
N MET D 174 -27.91 14.13 46.56
CA MET D 174 -28.61 14.99 47.52
C MET D 174 -30.11 14.80 47.44
N LEU D 175 -30.64 14.66 46.22
CA LEU D 175 -32.08 14.47 46.04
C LEU D 175 -32.54 13.21 46.74
N ARG D 176 -31.74 12.14 46.66
CA ARG D 176 -32.07 10.90 47.37
C ARG D 176 -31.97 11.11 48.89
N LEU D 177 -30.88 11.71 49.36
CA LEU D 177 -30.73 11.89 50.80
C LEU D 177 -31.83 12.77 51.38
N ALA D 178 -32.25 13.79 50.63
CA ALA D 178 -33.30 14.68 51.12
C ALA D 178 -34.62 13.94 51.31
N GLY D 179 -34.83 12.85 50.59
CA GLY D 179 -36.02 12.05 50.81
C GLY D 179 -36.01 11.29 52.11
N GLU D 180 -34.83 11.05 52.67
CA GLU D 180 -34.65 10.15 53.80
C GLU D 180 -34.29 10.85 55.10
N LYS D 181 -33.47 11.89 55.05
CA LYS D 181 -32.92 12.54 56.24
C LYS D 181 -33.62 13.86 56.51
N GLU D 182 -33.89 14.15 57.78
CA GLU D 182 -34.49 15.43 58.15
C GLU D 182 -33.47 16.56 58.19
N THR D 183 -32.20 16.25 58.49
CA THR D 183 -31.16 17.26 58.60
C THR D 183 -29.99 16.88 57.72
N LEU D 184 -29.48 17.83 56.95
CA LEU D 184 -28.30 17.61 56.11
C LEU D 184 -27.24 18.67 56.39
N SER D 185 -26.01 18.22 56.61
CA SER D 185 -24.87 19.11 56.80
C SER D 185 -24.03 19.05 55.53
N ILE D 186 -23.82 20.20 54.89
CA ILE D 186 -23.21 20.25 53.58
C ILE D 186 -22.14 21.34 53.56
N ILE D 187 -21.03 21.05 52.88
CA ILE D 187 -19.89 21.99 52.82
C ILE D 187 -20.33 23.29 52.16
N ASP D 188 -19.99 24.41 52.79
CA ASP D 188 -20.42 25.71 52.29
C ASP D 188 -19.27 26.63 51.91
N ASP D 189 -18.02 26.14 51.92
CA ASP D 189 -16.89 27.01 51.63
C ASP D 189 -16.07 26.55 50.42
N GLN D 190 -16.55 25.56 49.67
CA GLN D 190 -16.03 25.25 48.34
C GLN D 190 -16.98 25.89 47.33
N HIS D 191 -16.44 26.66 46.41
CA HIS D 191 -17.24 27.42 45.45
C HIS D 191 -16.87 27.01 44.03
N GLY D 192 -17.87 26.77 43.21
CA GLY D 192 -17.60 26.42 41.82
C GLY D 192 -18.91 26.41 41.07
N ALA D 193 -18.83 26.05 39.79
CA ALA D 193 -20.01 26.03 38.93
C ALA D 193 -20.39 24.60 38.59
N PRO D 194 -21.49 24.06 39.12
CA PRO D 194 -22.01 22.78 38.59
C PRO D 194 -22.16 22.87 37.09
N THR D 195 -21.55 21.94 36.37
CA THR D 195 -21.59 21.95 34.91
C THR D 195 -22.20 20.66 34.38
N GLY D 196 -23.24 20.79 33.56
CA GLY D 196 -23.95 19.61 33.12
C GLY D 196 -23.24 18.89 32.00
N ALA D 197 -23.40 17.56 31.98
CA ALA D 197 -22.89 16.81 30.85
C ALA D 197 -23.50 17.27 29.54
N GLU D 198 -24.75 17.73 29.57
CA GLU D 198 -25.36 18.29 28.35
C GLU D 198 -24.56 19.46 27.81
N LEU D 199 -24.26 20.43 28.67
CA LEU D 199 -23.49 21.60 28.24
C LEU D 199 -22.13 21.18 27.74
N LEU D 200 -21.46 20.27 28.47
CA LEU D 200 -20.14 19.82 28.02
C LEU D 200 -20.24 19.15 26.66
N ALA D 201 -21.22 18.28 26.47
CA ALA D 201 -21.30 17.56 25.20
C ALA D 201 -21.64 18.51 24.05
N ASP D 202 -22.58 19.42 24.27
CA ASP D 202 -23.02 20.30 23.19
C ASP D 202 -21.93 21.30 22.85
N CYS D 203 -21.28 21.85 23.86
CA CYS D 203 -20.20 22.81 23.60
C CYS D 203 -19.00 22.12 23.00
N THR D 204 -18.77 20.86 23.35
CA THR D 204 -17.69 20.11 22.69
C THR D 204 -17.97 19.97 21.20
N ALA D 205 -19.19 19.56 20.84
CA ALA D 205 -19.50 19.40 19.42
C ALA D 205 -19.35 20.72 18.67
N THR D 206 -19.84 21.80 19.27
CA THR D 206 -19.69 23.11 18.65
C THR D 206 -18.21 23.46 18.49
N ALA D 207 -17.41 23.24 19.54
CA ALA D 207 -16.00 23.60 19.48
C ALA D 207 -15.24 22.77 18.46
N ILE D 208 -15.61 21.49 18.28
CA ILE D 208 -14.97 20.66 17.27
C ILE D 208 -15.24 21.23 15.89
N ARG D 209 -16.51 21.50 15.59
CA ARG D 209 -16.86 22.08 14.29
CA ARG D 209 -16.84 22.08 14.29
C ARG D 209 -16.11 23.39 14.06
N GLU D 210 -16.08 24.25 15.07
CA GLU D 210 -15.45 25.56 14.88
C GLU D 210 -13.94 25.44 14.76
N THR D 211 -13.33 24.47 15.44
CA THR D 211 -11.88 24.32 15.38
C THR D 211 -11.45 23.64 14.09
N LEU D 212 -12.23 22.66 13.60
CA LEU D 212 -11.95 22.14 12.28
C LEU D 212 -12.01 23.25 11.24
N ARG D 213 -12.93 24.20 11.41
CA ARG D 213 -13.01 25.34 10.50
CA ARG D 213 -13.02 25.33 10.51
C ARG D 213 -11.85 26.29 10.70
N ASP D 214 -11.55 26.62 11.97
CA ASP D 214 -10.46 27.56 12.30
C ASP D 214 -9.50 26.85 13.24
N PRO D 215 -8.50 26.15 12.68
CA PRO D 215 -7.58 25.37 13.53
C PRO D 215 -6.79 26.20 14.53
N ALA D 216 -6.70 27.51 14.35
CA ALA D 216 -6.02 28.34 15.35
C ALA D 216 -6.73 28.33 16.70
N LEU D 217 -7.98 27.85 16.77
CA LEU D 217 -8.71 27.79 18.05
C LEU D 217 -8.27 26.64 18.93
N ALA D 218 -7.38 25.77 18.48
CA ALA D 218 -6.87 24.71 19.35
C ALA D 218 -6.21 25.31 20.59
N GLY D 219 -6.34 24.61 21.71
CA GLY D 219 -5.72 25.04 22.93
C GLY D 219 -6.55 24.62 24.13
N THR D 220 -6.33 25.32 25.25
CA THR D 220 -6.97 25.00 26.52
C THR D 220 -8.03 26.03 26.88
N TYR D 221 -9.19 25.54 27.33
CA TYR D 221 -10.34 26.39 27.68
C TYR D 221 -10.98 25.90 28.96
N HIS D 222 -11.44 26.85 29.78
CA HIS D 222 -12.33 26.52 30.87
C HIS D 222 -13.75 26.44 30.33
N LEU D 223 -14.35 25.25 30.43
CA LEU D 223 -15.70 24.98 29.91
C LEU D 223 -16.59 24.66 31.11
N VAL D 224 -17.26 25.68 31.65
CA VAL D 224 -18.11 25.53 32.82
C VAL D 224 -19.34 26.37 32.59
N ALA D 225 -20.46 25.99 33.22
CA ALA D 225 -21.57 26.91 33.29
C ALA D 225 -21.14 28.19 34.02
N SER D 226 -21.93 29.25 33.84
CA SER D 226 -21.58 30.53 34.44
C SER D 226 -22.06 30.61 35.88
N GLY D 227 -21.48 31.57 36.64
CA GLY D 227 -21.83 31.78 38.02
C GLY D 227 -21.06 30.89 38.97
N GLU D 228 -21.47 30.90 40.22
CA GLU D 228 -20.80 30.07 41.23
C GLU D 228 -21.77 29.80 42.36
N THR D 229 -21.49 28.73 43.09
CA THR D 229 -22.28 28.39 44.27
C THR D 229 -21.42 27.51 45.16
N SER D 230 -21.83 27.39 46.42
CA SER D 230 -21.25 26.38 47.28
C SER D 230 -22.00 25.07 47.10
N TRP D 231 -21.43 23.97 47.59
CA TRP D 231 -22.17 22.72 47.59
C TRP D 231 -23.47 22.88 48.36
N CYS D 232 -23.44 23.64 49.46
CA CYS D 232 -24.62 23.81 50.30
C CYS D 232 -25.76 24.46 49.54
N ASP D 233 -25.48 25.57 48.85
CA ASP D 233 -26.52 26.28 48.12
C ASP D 233 -26.90 25.56 46.83
N TYR D 234 -25.98 24.77 46.26
CA TYR D 234 -26.31 23.85 45.18
C TYR D 234 -27.38 22.87 45.63
N ALA D 235 -27.14 22.22 46.77
CA ALA D 235 -28.14 21.28 47.28
C ALA D 235 -29.47 21.99 47.55
N ARG D 236 -29.42 23.18 48.14
CA ARG D 236 -30.64 23.91 48.42
C ARG D 236 -31.42 24.17 47.13
N TYR D 237 -30.72 24.47 46.03
CA TYR D 237 -31.41 24.72 44.77
C TYR D 237 -32.04 23.44 44.24
N VAL D 238 -31.34 22.32 44.35
CA VAL D 238 -31.90 21.04 43.95
C VAL D 238 -33.21 20.78 44.69
N PHE D 239 -33.22 21.03 46.00
CA PHE D 239 -34.44 20.80 46.79
C PHE D 239 -35.55 21.76 46.37
N GLU D 240 -35.19 23.00 46.05
CA GLU D 240 -36.17 24.00 45.63
C GLU D 240 -36.84 23.57 44.32
N VAL D 241 -36.03 23.16 43.35
CA VAL D 241 -36.59 22.68 42.08
C VAL D 241 -37.45 21.44 42.32
N ALA D 242 -36.95 20.52 43.16
CA ALA D 242 -37.68 19.26 43.39
C ALA D 242 -39.04 19.53 44.00
N ARG D 243 -39.11 20.41 45.01
CA ARG D 243 -40.39 20.69 45.65
C ARG D 243 -41.35 21.39 44.71
N ALA D 244 -40.84 22.21 43.80
CA ALA D 244 -41.70 22.88 42.82
C ALA D 244 -42.22 21.92 41.77
N HIS D 245 -41.65 20.73 41.66
CA HIS D 245 -42.16 19.70 40.76
C HIS D 245 -42.77 18.54 41.52
N GLY D 246 -43.30 18.81 42.71
CA GLY D 246 -44.14 17.86 43.42
C GLY D 246 -43.43 16.88 44.32
N ALA D 247 -42.11 16.91 44.39
CA ALA D 247 -41.40 15.98 45.25
C ALA D 247 -41.67 16.30 46.72
N GLU D 248 -41.92 15.26 47.51
CA GLU D 248 -42.09 15.40 48.96
CA GLU D 248 -42.09 15.41 48.95
C GLU D 248 -40.77 15.02 49.61
N LEU D 249 -40.10 15.99 50.22
CA LEU D 249 -38.77 15.80 50.79
C LEU D 249 -38.86 15.80 52.31
N ALA D 250 -38.09 14.92 52.94
CA ALA D 250 -38.03 14.87 54.40
C ALA D 250 -37.15 15.97 54.98
N VAL D 251 -36.22 16.53 54.20
CA VAL D 251 -35.24 17.46 54.76
C VAL D 251 -35.94 18.71 55.27
N GLN D 252 -35.69 19.04 56.55
CA GLN D 252 -36.22 20.27 57.12
CA GLN D 252 -36.22 20.25 57.15
C GLN D 252 -35.14 21.23 57.57
N GLU D 253 -33.87 20.87 57.50
CA GLU D 253 -32.78 21.76 57.89
C GLU D 253 -31.52 21.40 57.11
N VAL D 254 -30.93 22.39 56.45
CA VAL D 254 -29.66 22.27 55.75
C VAL D 254 -28.65 23.17 56.44
N LYS D 255 -27.62 22.58 57.04
CA LYS D 255 -26.61 23.31 57.79
C LYS D 255 -25.33 23.35 56.98
N GLY D 256 -24.81 24.56 56.74
CA GLY D 256 -23.54 24.70 56.06
C GLY D 256 -22.39 24.45 57.03
N ILE D 257 -21.36 23.76 56.55
CA ILE D 257 -20.19 23.45 57.37
C ILE D 257 -18.94 23.79 56.58
N PRO D 258 -17.84 24.15 57.23
CA PRO D 258 -16.59 24.34 56.50
C PRO D 258 -15.96 23.00 56.14
N THR D 259 -15.03 23.05 55.20
CA THR D 259 -14.33 21.84 54.78
C THR D 259 -13.52 21.23 55.92
N THR D 260 -13.03 22.07 56.84
CA THR D 260 -12.31 21.54 58.00
C THR D 260 -13.19 20.66 58.87
N ALA D 261 -14.51 20.73 58.70
CA ALA D 261 -15.42 19.87 59.43
C ALA D 261 -15.70 18.57 58.69
N TYR D 262 -15.16 18.41 57.49
CA TYR D 262 -15.38 17.22 56.66
C TYR D 262 -14.07 16.86 55.97
N PRO D 263 -13.07 16.41 56.74
CA PRO D 263 -11.79 16.02 56.13
C PRO D 263 -11.94 14.80 55.26
N THR D 264 -11.17 14.77 54.17
CA THR D 264 -11.12 13.69 53.20
C THR D 264 -9.67 13.38 52.90
N PRO D 265 -9.37 12.16 52.43
CA PRO D 265 -7.97 11.84 52.11
C PRO D 265 -7.38 12.76 51.05
N ALA D 266 -8.16 13.14 50.05
CA ALA D 266 -7.73 14.13 49.06
C ALA D 266 -8.07 15.52 49.59
N LYS D 267 -7.06 16.36 49.72
CA LYS D 267 -7.29 17.75 50.07
C LYS D 267 -8.06 18.44 48.94
N ARG D 268 -9.15 19.13 49.30
CA ARG D 268 -9.93 19.77 48.24
C ARG D 268 -9.63 21.25 48.15
N PRO D 269 -9.58 21.80 46.93
CA PRO D 269 -9.49 23.26 46.79
C PRO D 269 -10.77 23.95 47.22
N LEU D 270 -10.63 25.13 47.83
CA LEU D 270 -11.84 25.87 48.22
C LEU D 270 -12.39 26.69 47.05
N ASN D 271 -11.52 27.36 46.30
CA ASN D 271 -11.95 28.16 45.16
C ASN D 271 -11.84 27.35 43.88
N SER D 272 -12.98 26.90 43.35
CA SER D 272 -13.03 26.17 42.09
C SER D 272 -13.60 26.99 40.95
N ARG D 273 -13.70 28.31 41.13
CA ARG D 273 -14.21 29.18 40.10
C ARG D 273 -13.26 29.19 38.90
N LEU D 274 -13.82 29.04 37.70
CA LEU D 274 -13.04 29.08 36.47
C LEU D 274 -13.66 30.11 35.55
N SER D 275 -12.86 31.06 35.07
CA SER D 275 -13.36 32.00 34.09
C SER D 275 -13.67 31.26 32.80
N ASN D 276 -14.89 31.43 32.28
CA ASN D 276 -15.28 30.82 31.02
C ASN D 276 -15.38 31.84 29.90
N GLU D 277 -14.70 32.99 30.04
CA GLU D 277 -14.75 34.02 29.01
CA GLU D 277 -14.77 34.01 29.00
C GLU D 277 -14.03 33.58 27.74
N LYS D 278 -12.90 32.91 27.87
CA LYS D 278 -12.14 32.54 26.68
C LYS D 278 -12.96 31.65 25.75
N PHE D 279 -13.64 30.66 26.32
CA PHE D 279 -14.46 29.77 25.49
C PHE D 279 -15.59 30.53 24.82
N GLN D 280 -16.28 31.40 25.56
CA GLN D 280 -17.39 32.12 24.97
C GLN D 280 -16.93 32.99 23.82
N GLN D 281 -15.80 33.67 23.98
CA GLN D 281 -15.32 34.56 22.92
C GLN D 281 -14.81 33.76 21.72
N ALA D 282 -14.12 32.65 21.96
CA ALA D 282 -13.48 31.93 20.87
C ALA D 282 -14.52 31.22 20.00
N PHE D 283 -15.55 30.64 20.63
CA PHE D 283 -16.49 29.80 19.91
C PHE D 283 -17.85 30.45 19.71
N GLY D 284 -18.04 31.68 20.18
CA GLY D 284 -19.27 32.40 19.92
C GLY D 284 -20.46 31.72 20.56
N VAL D 285 -20.31 31.33 21.82
CA VAL D 285 -21.38 30.66 22.54
C VAL D 285 -21.69 31.43 23.82
N THR D 286 -22.92 31.24 24.26
CA THR D 286 -23.40 31.70 25.55
C THR D 286 -23.32 30.53 26.51
N LEU D 287 -22.72 30.75 27.68
CA LEU D 287 -22.74 29.71 28.71
C LEU D 287 -23.70 30.12 29.80
N PRO D 288 -24.87 29.49 29.92
CA PRO D 288 -25.88 29.95 30.87
C PRO D 288 -25.41 29.75 32.30
N ASP D 289 -26.09 30.47 33.20
CA ASP D 289 -25.93 30.26 34.63
C ASP D 289 -26.12 28.78 34.99
N TRP D 290 -25.36 28.33 35.99
CA TRP D 290 -25.37 26.91 36.37
C TRP D 290 -26.76 26.40 36.76
N ARG D 291 -27.66 27.27 37.23
CA ARG D 291 -28.96 26.79 37.72
C ARG D 291 -29.78 26.13 36.61
N GLN D 292 -29.64 26.61 35.38
CA GLN D 292 -30.52 26.14 34.32
C GLN D 292 -30.32 24.65 34.07
N GLY D 293 -29.07 24.22 33.89
CA GLY D 293 -28.82 22.81 33.67
C GLY D 293 -29.20 21.94 34.86
N VAL D 294 -29.06 22.48 36.07
CA VAL D 294 -29.39 21.69 37.24
C VAL D 294 -30.90 21.51 37.36
N ALA D 295 -31.67 22.58 37.15
CA ALA D 295 -33.13 22.47 37.18
C ALA D 295 -33.63 21.45 36.17
N ARG D 296 -33.00 21.42 34.99
CA ARG D 296 -33.39 20.50 33.94
C ARG D 296 -33.14 19.06 34.35
N VAL D 297 -31.97 18.78 34.94
CA VAL D 297 -31.68 17.41 35.36
C VAL D 297 -32.58 16.98 36.51
N VAL D 298 -32.83 17.86 37.48
CA VAL D 298 -33.75 17.48 38.57
C VAL D 298 -35.11 17.14 38.00
N THR D 299 -35.60 17.98 37.08
CA THR D 299 -36.89 17.74 36.46
C THR D 299 -36.93 16.38 35.77
N GLU D 300 -35.88 16.03 35.01
CA GLU D 300 -35.88 14.76 34.30
C GLU D 300 -35.79 13.59 35.27
N VAL D 301 -34.99 13.72 36.32
CA VAL D 301 -34.83 12.63 37.28
C VAL D 301 -36.16 12.35 37.99
N LEU D 302 -36.98 13.38 38.21
CA LEU D 302 -38.30 13.19 38.79
C LEU D 302 -39.34 12.74 37.78
N GLY D 303 -38.97 12.62 36.51
CA GLY D 303 -39.93 12.24 35.49
C GLY D 303 -40.94 13.31 35.19
N LYS D 304 -40.59 14.57 35.43
CA LYS D 304 -41.49 15.70 35.22
C LYS D 304 -41.14 16.47 33.94
#